data_1Q9I
#
_entry.id   1Q9I
#
_cell.length_a   45.290
_cell.length_b   91.885
_cell.length_c   78.310
_cell.angle_alpha   90.00
_cell.angle_beta   91.50
_cell.angle_gamma   90.00
#
_symmetry.space_group_name_H-M   'P 1 21 1'
#
loop_
_entity.id
_entity.type
_entity.pdbx_description
1 polymer 'flavocytochrome c3'
2 non-polymer 'SODIUM ION'
3 non-polymer 'HEME C'
4 non-polymer 'FLAVIN-ADENINE DINUCLEOTIDE'
5 non-polymer 'MALATE LIKE INTERMEDIATE'
6 water water
#
_entity_poly.entity_id   1
_entity_poly.type   'polypeptide(L)'
_entity_poly.pdbx_seq_one_letter_code
;ADNLAEFHVQNQECDSCHTPDGELSNDSLTYENTQCVSCHGTLAEVAETTKHEHYNAHASHFPGEVACTSCHSAHEKSMV
YCDSCHSFDFNMPYAKKWLRDEPTIAELAKDKSERQAALASAPHDTVDVVVVGSGGAGFSAAISATDSGAKVILIEKEPV
IGGNAKLAAGGMNAAWTDQQKAKKITDSPELMFEDTMKGGQNINDPALVKVLSSHSKDSVDWMTAMGADLTDVGMMGGAS
VNRAHRPTGGCGVGAHVVQVLYDNAVKRNIDLRMNTRGIEVLKDDKGTVKGILVKGMYKGYYWVKADAVILATGGFAKNN
ERVAKLDPSLKGFISTNQPGAVGDGLDVAENAGGALKDMQYIQAHPTLSVKGGVMVTEAVRGNGAILVNREGKRFVNEIT
TRDKASAAILAQTGKSAYLIFDDSVRKSLCKIDKYIGLGVAPTADSLVKLGKMEGIDGKALTETVARYNSLVSSGKDTDF
ERPNLPRALNEGNYYAIEVTPGVHHTMGGVMIDTKAEVMNAKKQVIPGLYGAGEVTGGVHGANRLGGNAISDIITFGRLA
GEEAAKYSKKN
;
_entity_poly.pdbx_strand_id   A
#
loop_
_chem_comp.id
_chem_comp.type
_chem_comp.name
_chem_comp.formula
FAD non-polymer 'FLAVIN-ADENINE DINUCLEOTIDE' 'C27 H33 N9 O15 P2'
HEC non-polymer 'HEME C' 'C34 H34 Fe N4 O4'
NA non-polymer 'SODIUM ION' 'Na 1'
TEO non-polymer 'MALATE LIKE INTERMEDIATE' 'C4 H4 O5 -2'
#
# COMPACT_ATOMS: atom_id res chain seq x y z
N ALA A 1 -2.32 -24.96 28.73
CA ALA A 1 -1.81 -25.52 27.44
C ALA A 1 -0.73 -24.61 26.86
N ASP A 2 0.22 -25.17 26.11
CA ASP A 2 1.30 -24.35 25.58
C ASP A 2 0.99 -23.88 24.15
N ASN A 3 -0.04 -24.47 23.54
CA ASN A 3 -0.48 -24.02 22.21
C ASN A 3 -1.96 -24.27 21.94
N LEU A 4 -2.48 -23.63 20.89
CA LEU A 4 -3.90 -23.70 20.59
C LEU A 4 -4.45 -25.10 20.28
N ALA A 5 -3.68 -25.89 19.53
CA ALA A 5 -4.08 -27.27 19.25
C ALA A 5 -4.20 -28.07 20.54
N GLU A 6 -3.20 -27.95 21.40
CA GLU A 6 -3.20 -28.67 22.68
C GLU A 6 -4.44 -28.32 23.48
N PHE A 7 -4.80 -27.03 23.49
CA PHE A 7 -6.04 -26.65 24.15
C PHE A 7 -7.28 -27.39 23.61
N HIS A 8 -7.40 -27.44 22.30
CA HIS A 8 -8.59 -27.98 21.69
C HIS A 8 -8.67 -29.50 21.87
N VAL A 9 -7.54 -30.20 21.76
CA VAL A 9 -7.52 -31.66 21.76
C VAL A 9 -7.88 -32.23 23.12
N GLN A 10 -7.85 -31.39 24.15
CA GLN A 10 -8.33 -31.79 25.49
C GLN A 10 -9.74 -32.39 25.38
N ASN A 11 -10.59 -31.84 24.51
CA ASN A 11 -11.92 -32.44 24.27
C ASN A 11 -12.36 -32.47 22.80
N GLN A 12 -11.41 -32.44 21.87
CA GLN A 12 -11.72 -32.59 20.46
C GLN A 12 -10.77 -33.55 19.81
N GLU A 13 -11.21 -34.15 18.72
CA GLU A 13 -10.37 -35.07 17.94
C GLU A 13 -9.56 -34.27 16.93
N CYS A 14 -8.48 -34.85 16.42
CA CYS A 14 -7.71 -34.22 15.32
C CYS A 14 -8.58 -33.77 14.14
N ASP A 15 -9.56 -34.57 13.76
CA ASP A 15 -10.38 -34.27 12.60
C ASP A 15 -11.45 -33.20 12.86
N SER A 16 -11.42 -32.57 14.04
CA SER A 16 -12.24 -31.40 14.29
C SER A 16 -11.69 -30.22 13.49
N CYS A 17 -10.37 -30.23 13.27
CA CYS A 17 -9.75 -29.21 12.40
C CYS A 17 -9.23 -29.74 11.07
N HIS A 18 -8.84 -30.99 11.08
CA HIS A 18 -8.14 -31.56 9.94
C HIS A 18 -9.06 -32.33 9.01
N THR A 19 -8.59 -32.48 7.78
CA THR A 19 -9.18 -33.37 6.76
C THR A 19 -9.04 -34.84 7.25
N PRO A 20 -9.81 -35.78 6.70
CA PRO A 20 -9.70 -37.22 7.06
C PRO A 20 -8.30 -37.87 7.12
N ASP A 21 -7.43 -37.61 6.14
CA ASP A 21 -6.10 -38.22 6.09
C ASP A 21 -5.06 -37.38 6.79
N GLY A 22 -5.48 -36.17 7.20
CA GLY A 22 -4.65 -35.31 8.02
C GLY A 22 -3.83 -34.30 7.24
N GLU A 23 -3.77 -34.44 5.92
CA GLU A 23 -2.98 -33.53 5.09
C GLU A 23 -3.61 -32.16 5.14
N LEU A 24 -2.77 -31.13 5.23
CA LEU A 24 -3.22 -29.76 5.09
C LEU A 24 -3.81 -29.51 3.70
N SER A 25 -4.93 -28.80 3.66
CA SER A 25 -5.70 -28.64 2.42
C SER A 25 -4.92 -27.94 1.32
N ASN A 26 -4.21 -26.87 1.69
CA ASN A 26 -3.53 -26.02 0.73
C ASN A 26 -2.80 -24.94 1.51
N ASP A 27 -2.03 -24.08 0.84
CA ASP A 27 -1.27 -23.08 1.60
C ASP A 27 -2.11 -21.96 2.18
N SER A 28 -3.36 -21.82 1.71
CA SER A 28 -4.31 -20.87 2.31
C SER A 28 -5.00 -21.45 3.56
N LEU A 29 -4.74 -22.73 3.84
CA LEU A 29 -5.44 -23.44 4.93
C LEU A 29 -6.96 -23.25 4.85
N THR A 30 -7.51 -23.42 3.64
CA THR A 30 -8.94 -23.18 3.42
C THR A 30 -9.80 -24.07 4.31
N TYR A 31 -9.52 -25.37 4.25
CA TYR A 31 -10.34 -26.35 5.00
C TYR A 31 -10.25 -26.12 6.50
N GLU A 32 -9.02 -25.93 6.97
CA GLU A 32 -8.79 -25.77 8.38
C GLU A 32 -9.46 -24.50 8.95
N ASN A 33 -9.34 -23.37 8.24
CA ASN A 33 -9.99 -22.14 8.71
C ASN A 33 -11.51 -22.27 8.69
N THR A 34 -12.03 -23.00 7.69
CA THR A 34 -13.46 -23.26 7.62
C THR A 34 -13.93 -23.98 8.88
N GLN A 35 -13.06 -24.84 9.42
CA GLN A 35 -13.40 -25.54 10.66
C GLN A 35 -13.44 -24.56 11.86
N CYS A 36 -12.46 -23.64 11.95
CA CYS A 36 -12.49 -22.63 13.00
C CYS A 36 -13.82 -21.91 12.95
N VAL A 37 -14.21 -21.52 11.72
CA VAL A 37 -15.40 -20.72 11.53
C VAL A 37 -16.66 -21.53 11.86
N SER A 38 -16.63 -22.82 11.56
CA SER A 38 -17.80 -23.69 11.83
C SER A 38 -18.19 -23.69 13.28
N CYS A 39 -17.20 -23.52 14.17
CA CYS A 39 -17.43 -23.48 15.61
C CYS A 39 -17.49 -22.11 16.25
N HIS A 40 -16.67 -21.18 15.76
CA HIS A 40 -16.54 -19.88 16.39
C HIS A 40 -17.35 -18.77 15.71
N GLY A 41 -17.73 -18.99 14.46
CA GLY A 41 -18.41 -17.99 13.68
C GLY A 41 -17.43 -17.32 12.74
N THR A 42 -17.97 -16.47 11.86
CA THR A 42 -17.12 -15.68 10.97
C THR A 42 -16.32 -14.68 11.76
N LEU A 43 -15.38 -14.05 11.08
CA LEU A 43 -14.57 -13.03 11.72
C LEU A 43 -15.45 -11.92 12.31
N ALA A 44 -16.48 -11.51 11.57
CA ALA A 44 -17.42 -10.50 12.08
C ALA A 44 -18.17 -10.95 13.36
N GLU A 45 -18.51 -12.24 13.41
CA GLU A 45 -19.22 -12.81 14.57
C GLU A 45 -18.30 -12.90 15.79
N VAL A 46 -17.05 -13.34 15.60
CA VAL A 46 -16.04 -13.28 16.64
C VAL A 46 -15.84 -11.84 17.14
N ALA A 47 -15.86 -10.88 16.20
CA ALA A 47 -15.56 -9.50 16.56
C ALA A 47 -16.56 -8.96 17.59
N GLU A 48 -17.80 -9.46 17.51
CA GLU A 48 -18.85 -9.03 18.44
C GLU A 48 -18.43 -9.31 19.89
N THR A 49 -17.58 -10.32 20.08
CA THR A 49 -17.11 -10.75 21.42
C THR A 49 -15.79 -10.14 21.88
N THR A 50 -15.13 -9.36 21.03
CA THR A 50 -13.82 -8.80 21.36
C THR A 50 -13.75 -7.28 21.11
N LYS A 51 -14.84 -6.59 21.42
CA LYS A 51 -14.86 -5.14 21.22
C LYS A 51 -14.06 -4.35 22.28
N HIS A 52 -13.25 -3.40 21.83
CA HIS A 52 -12.75 -2.33 22.70
C HIS A 52 -13.31 -1.04 22.12
N GLU A 53 -13.29 0.05 22.90
CA GLU A 53 -13.90 1.27 22.43
C GLU A 53 -13.32 1.73 21.09
N HIS A 54 -12.00 1.63 20.96
CA HIS A 54 -11.31 2.24 19.83
C HIS A 54 -10.56 1.26 18.93
N TYR A 55 -10.66 -0.03 19.21
CA TYR A 55 -10.00 -1.05 18.36
C TYR A 55 -10.62 -2.43 18.57
N ASN A 56 -10.35 -3.34 17.63
CA ASN A 56 -10.88 -4.71 17.70
C ASN A 56 -9.97 -5.57 16.82
N ALA A 57 -9.30 -6.55 17.41
CA ALA A 57 -8.46 -7.47 16.63
C ALA A 57 -9.22 -8.08 15.45
N HIS A 58 -10.53 -8.32 15.62
CA HIS A 58 -11.33 -9.02 14.64
C HIS A 58 -12.21 -8.13 13.73
N ALA A 59 -12.04 -6.82 13.85
CA ALA A 59 -12.75 -5.88 12.98
C ALA A 59 -11.84 -4.71 12.72
N SER A 60 -11.11 -4.80 11.61
CA SER A 60 -10.09 -3.83 11.26
C SER A 60 -10.32 -3.28 9.88
N HIS A 61 -9.42 -2.40 9.49
CA HIS A 61 -9.44 -1.80 8.17
C HIS A 61 -8.95 -2.74 7.07
N PHE A 62 -8.50 -3.94 7.40
CA PHE A 62 -8.06 -4.87 6.35
C PHE A 62 -9.24 -5.37 5.49
N PRO A 63 -9.13 -5.29 4.16
CA PRO A 63 -10.19 -5.80 3.27
C PRO A 63 -10.03 -7.29 3.05
N GLY A 64 -11.02 -7.87 2.38
CA GLY A 64 -11.04 -9.30 2.11
C GLY A 64 -11.50 -10.12 3.31
N GLU A 65 -11.32 -11.42 3.22
CA GLU A 65 -11.72 -12.33 4.29
C GLU A 65 -10.45 -12.80 5.00
N VAL A 66 -10.14 -12.19 6.13
CA VAL A 66 -8.86 -12.47 6.82
C VAL A 66 -8.91 -13.79 7.56
N ALA A 67 -8.07 -14.74 7.15
CA ALA A 67 -8.05 -16.09 7.70
C ALA A 67 -7.70 -16.08 9.18
N CYS A 68 -8.38 -16.90 9.98
CA CYS A 68 -8.02 -17.05 11.39
C CYS A 68 -6.56 -17.36 11.64
N THR A 69 -6.00 -18.25 10.80
CA THR A 69 -4.61 -18.69 10.95
C THR A 69 -3.61 -17.61 10.57
N SER A 70 -4.10 -16.46 10.09
CA SER A 70 -3.18 -15.31 9.91
C SER A 70 -2.53 -14.89 11.22
N CYS A 71 -3.26 -15.09 12.33
CA CYS A 71 -2.79 -14.74 13.67
C CYS A 71 -2.78 -15.91 14.65
N HIS A 72 -3.70 -16.85 14.50
CA HIS A 72 -3.79 -18.02 15.38
C HIS A 72 -3.23 -19.26 14.68
N SER A 73 -1.97 -19.61 14.95
CA SER A 73 -1.45 -20.93 14.56
C SER A 73 -1.94 -21.97 15.55
N ALA A 74 -1.90 -23.24 15.15
CA ALA A 74 -2.43 -24.33 16.00
C ALA A 74 -1.35 -24.95 16.90
N HIS A 75 -0.24 -25.37 16.30
CA HIS A 75 0.73 -26.21 17.02
C HIS A 75 1.93 -25.43 17.54
N GLU A 76 1.87 -24.11 17.43
CA GLU A 76 2.93 -23.26 17.98
C GLU A 76 2.34 -21.91 18.33
N LYS A 77 2.96 -21.19 19.25
CA LYS A 77 2.55 -19.84 19.56
C LYS A 77 2.67 -18.95 18.29
N SER A 78 1.84 -17.93 18.21
CA SER A 78 1.77 -17.17 16.96
C SER A 78 1.64 -15.68 17.23
N MET A 79 1.82 -14.87 16.18
CA MET A 79 1.96 -13.42 16.33
C MET A 79 0.72 -12.73 15.82
N VAL A 80 0.38 -11.60 16.43
CA VAL A 80 -0.76 -10.79 16.06
C VAL A 80 -0.31 -9.84 14.92
N TYR A 81 -0.93 -9.99 13.75
CA TYR A 81 -0.43 -9.26 12.57
C TYR A 81 -0.43 -7.76 12.78
N CYS A 82 -1.46 -7.30 13.50
CA CYS A 82 -1.59 -5.87 13.82
C CYS A 82 -0.38 -5.30 14.56
N ASP A 83 0.36 -6.13 15.30
CA ASP A 83 1.52 -5.68 16.05
C ASP A 83 2.68 -5.21 15.16
N SER A 84 2.60 -5.51 13.85
CA SER A 84 3.62 -5.04 12.92
C SER A 84 3.57 -3.51 12.66
N CYS A 85 2.45 -2.85 13.01
CA CYS A 85 2.36 -1.39 12.93
C CYS A 85 1.85 -0.69 14.16
N HIS A 86 1.15 -1.42 15.01
CA HIS A 86 0.51 -0.83 16.17
C HIS A 86 0.94 -1.58 17.44
N SER A 87 0.68 -0.97 18.59
CA SER A 87 0.89 -1.63 19.87
C SER A 87 -0.37 -1.58 20.74
N PHE A 88 -1.46 -2.16 20.26
CA PHE A 88 -2.72 -2.22 21.03
C PHE A 88 -2.57 -3.18 22.20
N ASP A 89 -3.37 -2.96 23.24
CA ASP A 89 -3.34 -3.82 24.41
C ASP A 89 -4.20 -5.04 24.06
N PHE A 90 -3.54 -6.12 23.65
CA PHE A 90 -4.20 -7.37 23.29
C PHE A 90 -3.78 -8.47 24.26
N ASN A 91 -4.63 -9.48 24.37
CA ASN A 91 -4.34 -10.71 25.12
C ASN A 91 -4.77 -11.94 24.35
N MET A 92 -4.18 -12.12 23.16
CA MET A 92 -4.47 -13.30 22.36
C MET A 92 -3.88 -14.52 23.03
N PRO A 93 -4.67 -15.59 23.17
CA PRO A 93 -4.13 -16.83 23.70
C PRO A 93 -2.94 -17.28 22.85
N TYR A 94 -1.89 -17.78 23.50
CA TYR A 94 -0.73 -18.39 22.82
C TYR A 94 -0.01 -17.39 21.91
N ALA A 95 -0.06 -16.11 22.26
CA ALA A 95 0.68 -15.09 21.53
C ALA A 95 2.17 -15.15 21.78
N LYS A 96 2.92 -14.67 20.80
CA LYS A 96 4.32 -14.32 20.99
C LYS A 96 4.57 -12.94 20.36
N LYS A 97 5.66 -12.30 20.76
CA LYS A 97 5.97 -10.95 20.30
C LYS A 97 6.14 -10.95 18.78
N TRP A 98 5.67 -9.88 18.13
CA TRP A 98 5.86 -9.73 16.69
C TRP A 98 7.34 -9.66 16.32
N LEU A 99 7.74 -10.53 15.39
CA LEU A 99 9.08 -10.49 14.81
C LEU A 99 9.00 -11.05 13.41
N ARG A 100 9.38 -10.22 12.44
CA ARG A 100 9.45 -10.69 11.06
C ARG A 100 10.91 -11.05 10.71
N ASP A 101 11.11 -12.33 10.42
CA ASP A 101 12.40 -12.81 9.90
C ASP A 101 12.15 -13.76 8.73
N GLU A 102 12.04 -13.13 7.58
CA GLU A 102 11.80 -13.83 6.34
C GLU A 102 13.11 -13.97 5.58
N PRO A 103 13.50 -15.19 5.22
CA PRO A 103 14.74 -15.41 4.45
C PRO A 103 14.71 -14.65 3.15
N THR A 104 15.85 -14.13 2.73
CA THR A 104 15.93 -13.47 1.44
C THR A 104 15.89 -14.53 0.36
N ILE A 105 15.61 -14.11 -0.86
CA ILE A 105 15.73 -15.03 -1.99
C ILE A 105 17.13 -15.67 -2.04
N ALA A 106 18.16 -14.88 -1.75
CA ALA A 106 19.52 -15.44 -1.77
C ALA A 106 19.71 -16.51 -0.73
N GLU A 107 19.14 -16.29 0.46
CA GLU A 107 19.25 -17.26 1.55
C GLU A 107 18.57 -18.60 1.19
N LEU A 108 17.50 -18.54 0.39
CA LEU A 108 16.75 -19.72 0.00
C LEU A 108 17.52 -20.62 -0.97
N ALA A 109 18.66 -20.12 -1.46
CA ALA A 109 19.58 -20.98 -2.23
C ALA A 109 20.03 -22.17 -1.40
N LYS A 110 19.98 -22.04 -0.07
CA LYS A 110 20.32 -23.13 0.85
C LYS A 110 19.37 -24.32 0.73
N ASP A 111 18.21 -24.09 0.13
CA ASP A 111 17.24 -25.15 -0.10
C ASP A 111 17.48 -25.87 -1.45
N LYS A 112 18.75 -25.93 -1.86
CA LYS A 112 19.16 -26.61 -3.08
C LYS A 112 18.51 -27.99 -3.21
N SER A 113 18.69 -28.81 -2.18
CA SER A 113 17.83 -29.97 -1.96
C SER A 113 16.48 -29.48 -1.45
N GLU A 114 15.45 -29.91 -2.16
CA GLU A 114 14.05 -29.52 -2.02
C GLU A 114 13.68 -28.75 -3.29
N ARG A 115 14.49 -27.77 -3.67
CA ARG A 115 14.21 -27.03 -4.91
C ARG A 115 14.47 -27.89 -6.16
N GLN A 116 15.57 -28.64 -6.17
CA GLN A 116 15.84 -29.54 -7.28
C GLN A 116 14.80 -30.65 -7.38
N ALA A 117 14.34 -31.15 -6.23
CA ALA A 117 13.27 -32.13 -6.18
C ALA A 117 11.99 -31.57 -6.78
N ALA A 118 11.64 -30.33 -6.43
CA ALA A 118 10.43 -29.72 -6.95
C ALA A 118 10.51 -29.61 -8.47
N LEU A 119 11.64 -29.10 -8.96
CA LEU A 119 11.78 -28.80 -10.38
C LEU A 119 11.83 -30.09 -11.21
N ALA A 120 12.27 -31.17 -10.56
CA ALA A 120 12.31 -32.51 -11.15
C ALA A 120 10.92 -33.14 -11.27
N SER A 121 9.97 -32.62 -10.47
CA SER A 121 8.58 -33.05 -10.45
C SER A 121 7.75 -32.43 -11.56
N ALA A 122 6.59 -33.03 -11.80
CA ALA A 122 5.61 -32.47 -12.70
C ALA A 122 5.22 -31.09 -12.16
N PRO A 123 4.82 -30.15 -13.02
CA PRO A 123 4.32 -28.86 -12.50
C PRO A 123 3.02 -29.14 -11.74
N HIS A 124 2.86 -28.47 -10.60
CA HIS A 124 1.64 -28.67 -9.79
C HIS A 124 0.39 -28.17 -10.52
N ASP A 125 0.58 -27.12 -11.32
CA ASP A 125 -0.48 -26.55 -12.14
C ASP A 125 0.10 -26.14 -13.48
N THR A 126 -0.76 -26.11 -14.49
CA THR A 126 -0.38 -25.61 -15.80
C THR A 126 -1.46 -24.60 -16.18
N VAL A 127 -1.06 -23.33 -16.20
CA VAL A 127 -1.97 -22.22 -16.50
C VAL A 127 -1.37 -21.28 -17.54
N ASP A 128 -2.08 -20.18 -17.84
CA ASP A 128 -1.60 -19.22 -18.83
C ASP A 128 -0.68 -18.16 -18.20
N VAL A 129 -1.10 -17.64 -17.06
CA VAL A 129 -0.39 -16.52 -16.42
C VAL A 129 -0.36 -16.75 -14.91
N VAL A 130 0.80 -16.51 -14.30
CA VAL A 130 0.88 -16.44 -12.83
C VAL A 130 1.17 -14.99 -12.48
N VAL A 131 0.39 -14.47 -11.53
CA VAL A 131 0.56 -13.11 -11.04
C VAL A 131 1.10 -13.21 -9.61
N VAL A 132 2.19 -12.51 -9.35
CA VAL A 132 2.86 -12.57 -8.05
C VAL A 132 2.59 -11.27 -7.28
N GLY A 133 1.78 -11.38 -6.23
CA GLY A 133 1.48 -10.27 -5.33
C GLY A 133 0.02 -9.85 -5.38
N SER A 134 -0.63 -9.76 -4.21
CA SER A 134 -2.06 -9.44 -4.14
C SER A 134 -2.34 -7.99 -3.73
N GLY A 135 -1.47 -7.06 -4.15
CA GLY A 135 -1.80 -5.64 -4.03
C GLY A 135 -2.68 -5.16 -5.17
N GLY A 136 -2.75 -3.84 -5.40
CA GLY A 136 -3.66 -3.34 -6.44
C GLY A 136 -3.17 -3.75 -7.83
N ALA A 137 -1.86 -3.77 -8.04
CA ALA A 137 -1.37 -4.11 -9.37
C ALA A 137 -1.67 -5.58 -9.68
N GLY A 138 -1.45 -6.47 -8.70
CA GLY A 138 -1.62 -7.91 -8.92
C GLY A 138 -3.08 -8.30 -9.10
N PHE A 139 -3.96 -7.80 -8.25
CA PHE A 139 -5.38 -8.09 -8.48
C PHE A 139 -5.81 -7.50 -9.83
N SER A 140 -5.35 -6.30 -10.20
CA SER A 140 -5.77 -5.71 -11.49
C SER A 140 -5.32 -6.61 -12.68
N ALA A 141 -4.08 -7.10 -12.62
CA ALA A 141 -3.50 -7.95 -13.65
C ALA A 141 -4.27 -9.27 -13.71
N ALA A 142 -4.57 -9.84 -12.55
CA ALA A 142 -5.30 -11.11 -12.52
C ALA A 142 -6.69 -10.99 -13.12
N ILE A 143 -7.39 -9.91 -12.78
CA ILE A 143 -8.75 -9.69 -13.31
C ILE A 143 -8.68 -9.43 -14.81
N SER A 144 -7.75 -8.56 -15.24
CA SER A 144 -7.72 -8.18 -16.66
C SER A 144 -7.33 -9.37 -17.54
N ALA A 145 -6.40 -10.20 -17.06
CA ALA A 145 -5.94 -11.36 -17.81
C ALA A 145 -7.11 -12.35 -17.90
N THR A 146 -7.82 -12.52 -16.79
CA THR A 146 -8.96 -13.44 -16.75
C THR A 146 -10.03 -12.96 -17.73
N ASP A 147 -10.30 -11.67 -17.73
CA ASP A 147 -11.32 -11.14 -18.67
C ASP A 147 -10.89 -11.22 -20.12
N SER A 148 -9.58 -11.35 -20.36
CA SER A 148 -9.04 -11.51 -21.70
C SER A 148 -8.94 -12.97 -22.11
N GLY A 149 -9.45 -13.87 -21.28
CA GLY A 149 -9.57 -15.29 -21.60
C GLY A 149 -8.44 -16.16 -21.09
N ALA A 150 -7.58 -15.59 -20.25
CA ALA A 150 -6.47 -16.36 -19.68
C ALA A 150 -6.83 -17.01 -18.36
N LYS A 151 -6.26 -18.19 -18.12
CA LYS A 151 -6.37 -18.87 -16.82
C LYS A 151 -5.20 -18.41 -15.95
N VAL A 152 -5.52 -17.87 -14.78
CA VAL A 152 -4.54 -17.20 -13.90
C VAL A 152 -4.45 -17.91 -12.55
N ILE A 153 -3.25 -17.93 -11.98
CA ILE A 153 -3.08 -18.18 -10.56
C ILE A 153 -2.46 -16.94 -9.97
N LEU A 154 -3.08 -16.43 -8.90
CA LEU A 154 -2.59 -15.24 -8.18
C LEU A 154 -1.98 -15.71 -6.86
N ILE A 155 -0.73 -15.37 -6.59
CA ILE A 155 -0.11 -15.77 -5.31
C ILE A 155 0.25 -14.60 -4.42
N GLU A 156 0.18 -14.82 -3.12
CA GLU A 156 0.56 -13.81 -2.14
C GLU A 156 1.36 -14.49 -1.02
N LYS A 157 2.53 -13.92 -0.71
CA LYS A 157 3.41 -14.50 0.31
C LYS A 157 2.89 -14.28 1.73
N GLU A 158 2.23 -13.15 1.97
CA GLU A 158 1.71 -12.84 3.30
C GLU A 158 0.49 -13.67 3.60
N PRO A 159 0.07 -13.69 4.87
CA PRO A 159 -1.20 -14.36 5.22
C PRO A 159 -2.46 -13.57 4.84
N VAL A 160 -2.29 -12.31 4.48
CA VAL A 160 -3.42 -11.42 4.21
C VAL A 160 -3.21 -10.76 2.85
N ILE A 161 -4.31 -10.43 2.18
CA ILE A 161 -4.23 -9.72 0.90
C ILE A 161 -3.87 -8.24 1.03
N GLY A 162 -3.44 -7.66 -0.09
CA GLY A 162 -3.57 -6.23 -0.24
C GLY A 162 -2.28 -5.41 -0.16
N GLY A 163 -1.21 -6.02 0.34
CA GLY A 163 0.06 -5.30 0.39
C GLY A 163 -0.04 -3.94 1.06
N ASN A 164 0.67 -2.98 0.48
CA ASN A 164 0.55 -1.58 0.91
C ASN A 164 -0.68 -0.91 0.34
N ALA A 165 -1.24 -1.47 -0.74
CA ALA A 165 -2.34 -0.78 -1.46
C ALA A 165 -3.55 -0.66 -0.55
N LYS A 166 -3.78 -1.67 0.29
CA LYS A 166 -4.92 -1.64 1.20
C LYS A 166 -4.82 -0.52 2.27
N LEU A 167 -3.64 0.08 2.38
CA LEU A 167 -3.40 1.11 3.36
C LEU A 167 -3.58 2.49 2.74
N ALA A 168 -3.79 2.57 1.41
CA ALA A 168 -3.81 3.87 0.75
C ALA A 168 -4.90 4.76 1.29
N ALA A 169 -4.59 6.04 1.46
CA ALA A 169 -5.58 6.96 2.01
C ALA A 169 -6.10 8.04 1.03
N GLY A 170 -5.20 8.96 0.68
CA GLY A 170 -5.53 10.24 0.08
C GLY A 170 -6.14 10.17 -1.31
N GLY A 171 -5.82 9.18 -2.12
CA GLY A 171 -6.57 9.03 -3.36
C GLY A 171 -5.84 8.46 -4.56
N MET A 172 -6.57 8.37 -5.67
CA MET A 172 -6.13 7.88 -6.96
C MET A 172 -6.21 9.02 -8.00
N ASN A 173 -5.06 9.47 -8.52
CA ASN A 173 -5.05 10.60 -9.47
C ASN A 173 -5.55 10.22 -10.85
N ALA A 174 -6.31 11.13 -11.46
CA ALA A 174 -6.79 10.88 -12.81
C ALA A 174 -7.36 12.17 -13.36
N ALA A 175 -7.32 12.29 -14.69
CA ALA A 175 -7.87 13.45 -15.38
C ALA A 175 -8.23 12.97 -16.80
N TRP A 176 -9.26 13.54 -17.45
CA TRP A 176 -10.22 14.47 -16.89
C TRP A 176 -11.51 13.66 -16.72
N THR A 177 -11.83 13.26 -15.49
CA THR A 177 -12.88 12.25 -15.26
C THR A 177 -14.29 12.83 -15.18
N ASP A 178 -15.28 11.97 -15.39
CA ASP A 178 -16.67 12.35 -15.11
C ASP A 178 -16.84 12.85 -13.67
N GLN A 179 -16.13 12.19 -12.75
CA GLN A 179 -16.17 12.54 -11.34
C GLN A 179 -15.69 13.98 -11.09
N GLN A 180 -14.60 14.38 -11.75
CA GLN A 180 -14.12 15.75 -11.66
C GLN A 180 -15.15 16.73 -12.23
N LYS A 181 -15.70 16.39 -13.41
CA LYS A 181 -16.68 17.26 -14.06
C LYS A 181 -17.90 17.48 -13.15
N ALA A 182 -18.34 16.43 -12.47
CA ALA A 182 -19.48 16.50 -11.54
C ALA A 182 -19.23 17.43 -10.34
N LYS A 183 -17.95 17.61 -10.01
CA LYS A 183 -17.51 18.46 -8.92
C LYS A 183 -17.00 19.83 -9.40
N LYS A 184 -17.28 20.12 -10.68
CA LYS A 184 -16.92 21.40 -11.28
C LYS A 184 -15.41 21.61 -11.28
N ILE A 185 -14.68 20.51 -11.48
CA ILE A 185 -13.24 20.60 -11.64
C ILE A 185 -12.83 20.50 -13.10
N THR A 186 -11.94 21.41 -13.51
CA THR A 186 -11.37 21.41 -14.84
C THR A 186 -9.94 20.89 -14.81
N ASP A 187 -9.68 19.84 -15.58
CA ASP A 187 -8.37 19.19 -15.62
C ASP A 187 -8.12 18.64 -17.01
N SER A 188 -6.97 18.02 -17.22
CA SER A 188 -6.63 17.37 -18.49
C SER A 188 -5.51 16.34 -18.25
N PRO A 189 -5.45 15.29 -19.05
CA PRO A 189 -4.33 14.33 -18.98
C PRO A 189 -3.02 15.05 -19.20
N GLU A 190 -2.99 16.03 -20.11
CA GLU A 190 -1.79 16.83 -20.32
C GLU A 190 -1.29 17.54 -19.06
N LEU A 191 -2.21 18.11 -18.29
CA LEU A 191 -1.82 18.83 -17.09
C LEU A 191 -1.36 17.83 -16.03
N MET A 192 -1.99 16.66 -15.98
CA MET A 192 -1.50 15.62 -15.07
C MET A 192 -0.08 15.16 -15.45
N PHE A 193 0.12 14.90 -16.75
CA PHE A 193 1.47 14.61 -17.26
C PHE A 193 2.51 15.69 -16.86
N GLU A 194 2.18 16.96 -17.08
CA GLU A 194 3.08 18.07 -16.77
C GLU A 194 3.40 18.14 -15.26
N ASP A 195 2.38 18.06 -14.42
CA ASP A 195 2.57 18.06 -12.97
C ASP A 195 3.48 16.90 -12.56
N THR A 196 3.23 15.74 -13.16
CA THR A 196 4.00 14.51 -12.84
C THR A 196 5.49 14.60 -13.19
N MET A 197 5.78 15.00 -14.43
CA MET A 197 7.16 15.18 -14.88
C MET A 197 7.86 16.23 -14.01
N LYS A 198 7.19 17.35 -13.78
CA LYS A 198 7.82 18.42 -12.98
C LYS A 198 8.09 17.93 -11.56
N GLY A 199 7.11 17.23 -11.01
CA GLY A 199 7.18 16.68 -9.67
C GLY A 199 8.31 15.69 -9.51
N GLY A 200 8.56 14.90 -10.56
CA GLY A 200 9.64 13.91 -10.54
C GLY A 200 11.00 14.48 -10.95
N GLN A 201 11.12 15.82 -11.03
CA GLN A 201 12.39 16.48 -11.43
C GLN A 201 12.82 16.10 -12.83
N ASN A 202 11.84 15.78 -13.67
CA ASN A 202 12.04 15.38 -15.05
C ASN A 202 12.91 14.14 -15.26
N ILE A 203 13.01 13.31 -14.22
CA ILE A 203 13.77 12.06 -14.26
C ILE A 203 12.87 10.94 -14.82
N ASN A 204 11.56 11.09 -14.65
CA ASN A 204 10.61 10.06 -15.07
C ASN A 204 10.79 9.71 -16.55
N ASP A 205 10.56 8.45 -16.90
CA ASP A 205 10.47 8.09 -18.32
C ASP A 205 9.19 8.70 -18.93
N PRO A 206 9.29 9.67 -19.84
CA PRO A 206 8.05 10.29 -20.36
C PRO A 206 7.10 9.28 -21.05
N ALA A 207 7.61 8.20 -21.63
CA ALA A 207 6.71 7.25 -22.28
C ALA A 207 5.83 6.58 -21.21
N LEU A 208 6.42 6.27 -20.07
CA LEU A 208 5.63 5.68 -18.97
C LEU A 208 4.68 6.67 -18.31
N VAL A 209 5.11 7.92 -18.14
CA VAL A 209 4.21 8.96 -17.62
C VAL A 209 3.04 9.19 -18.58
N LYS A 210 3.28 9.10 -19.89
CA LYS A 210 2.19 9.25 -20.86
C LYS A 210 1.15 8.12 -20.71
N VAL A 211 1.61 6.92 -20.40
CA VAL A 211 0.65 5.85 -20.12
C VAL A 211 -0.15 6.19 -18.85
N LEU A 212 0.56 6.61 -17.80
CA LEU A 212 -0.06 7.00 -16.54
C LEU A 212 -1.13 8.07 -16.73
N SER A 213 -0.80 9.15 -17.44
CA SER A 213 -1.78 10.22 -17.57
C SER A 213 -2.91 9.83 -18.53
N SER A 214 -2.54 9.30 -19.69
CA SER A 214 -3.52 9.01 -20.72
C SER A 214 -4.48 7.88 -20.35
N HIS A 215 -4.03 6.91 -19.54
CA HIS A 215 -4.91 5.78 -19.16
C HIS A 215 -5.68 6.05 -17.86
N SER A 216 -5.39 7.17 -17.19
CA SER A 216 -5.90 7.39 -15.84
C SER A 216 -7.43 7.44 -15.75
N LYS A 217 -8.10 8.16 -16.68
CA LYS A 217 -9.55 8.20 -16.65
C LYS A 217 -10.14 6.80 -16.87
N ASP A 218 -9.62 6.10 -17.88
CA ASP A 218 -10.07 4.72 -18.14
C ASP A 218 -9.94 3.82 -16.89
N SER A 219 -8.86 3.99 -16.14
CA SER A 219 -8.67 3.21 -14.92
C SER A 219 -9.67 3.54 -13.82
N VAL A 220 -10.00 4.82 -13.66
CA VAL A 220 -11.08 5.22 -12.78
C VAL A 220 -12.43 4.65 -13.28
N ASP A 221 -12.65 4.68 -14.58
CA ASP A 221 -13.87 4.11 -15.14
C ASP A 221 -13.96 2.62 -14.90
N TRP A 222 -12.83 1.93 -15.08
CA TRP A 222 -12.75 0.48 -14.90
C TRP A 222 -13.05 0.06 -13.46
N MET A 223 -12.44 0.77 -12.50
CA MET A 223 -12.71 0.54 -11.08
C MET A 223 -14.18 0.79 -10.75
N THR A 224 -14.71 1.88 -11.32
CA THR A 224 -16.08 2.29 -11.03
C THR A 224 -17.07 1.25 -11.58
N ALA A 225 -16.77 0.75 -12.78
CA ALA A 225 -17.63 -0.29 -13.40
C ALA A 225 -17.67 -1.55 -12.53
N MET A 226 -16.55 -1.82 -11.81
CA MET A 226 -16.45 -2.96 -10.90
C MET A 226 -17.08 -2.71 -9.54
N GLY A 227 -17.49 -1.48 -9.28
CA GLY A 227 -18.24 -1.15 -8.08
C GLY A 227 -17.59 -0.14 -7.16
N ALA A 228 -16.44 0.40 -7.55
CA ALA A 228 -15.75 1.34 -6.70
C ALA A 228 -16.43 2.71 -6.68
N ASP A 229 -16.36 3.34 -5.52
CA ASP A 229 -16.74 4.75 -5.36
C ASP A 229 -15.48 5.60 -5.41
N LEU A 230 -15.33 6.35 -6.50
CA LEU A 230 -14.20 7.28 -6.66
C LEU A 230 -14.71 8.70 -6.93
N THR A 231 -15.80 9.06 -6.26
CA THR A 231 -16.52 10.31 -6.55
C THR A 231 -16.05 11.54 -5.79
N ASP A 232 -15.32 11.38 -4.69
CA ASP A 232 -14.73 12.51 -3.98
C ASP A 232 -13.39 12.83 -4.63
N VAL A 233 -13.14 14.09 -4.95
CA VAL A 233 -11.90 14.46 -5.62
C VAL A 233 -11.16 15.55 -4.84
N GLY A 234 -10.06 15.17 -4.21
CA GLY A 234 -9.29 16.06 -3.35
C GLY A 234 -7.98 16.53 -3.93
N MET A 235 -7.36 17.47 -3.24
CA MET A 235 -6.06 17.97 -3.63
C MET A 235 -4.95 17.23 -2.88
N MET A 236 -3.86 16.92 -3.58
CA MET A 236 -2.64 16.43 -2.95
C MET A 236 -1.46 17.34 -3.35
N GLY A 237 -0.30 17.13 -2.72
CA GLY A 237 0.85 18.00 -2.99
C GLY A 237 1.40 17.93 -4.41
N GLY A 238 1.85 19.07 -4.89
CA GLY A 238 2.42 19.16 -6.23
C GLY A 238 1.47 19.00 -7.38
N ALA A 239 0.17 19.26 -7.16
CA ALA A 239 -0.85 19.14 -8.20
C ALA A 239 -1.49 20.49 -8.53
N SER A 240 -1.73 20.73 -9.82
CA SER A 240 -2.30 22.00 -10.26
C SER A 240 -3.77 22.19 -9.92
N VAL A 241 -4.50 21.08 -9.83
CA VAL A 241 -5.93 21.07 -9.53
C VAL A 241 -6.22 19.82 -8.68
N ASN A 242 -7.40 19.77 -8.08
CA ASN A 242 -7.86 18.58 -7.37
C ASN A 242 -8.04 17.42 -8.34
N ARG A 243 -7.30 16.33 -8.13
CA ARG A 243 -7.48 15.17 -9.00
C ARG A 243 -7.31 13.83 -8.26
N ALA A 244 -7.22 13.88 -6.92
CA ALA A 244 -7.10 12.64 -6.12
C ALA A 244 -8.49 12.07 -5.77
N HIS A 245 -8.85 11.00 -6.47
CA HIS A 245 -10.18 10.40 -6.37
C HIS A 245 -10.24 9.38 -5.25
N ARG A 246 -11.35 9.40 -4.53
CA ARG A 246 -11.51 8.51 -3.38
C ARG A 246 -13.01 8.42 -3.05
N PRO A 247 -13.38 7.50 -2.16
CA PRO A 247 -14.79 7.35 -1.79
C PRO A 247 -15.38 8.60 -1.14
N THR A 248 -16.70 8.68 -1.26
CA THR A 248 -17.54 9.72 -0.68
C THR A 248 -17.12 10.21 0.70
N GLY A 249 -16.96 11.52 0.80
CA GLY A 249 -16.65 12.15 2.06
C GLY A 249 -15.17 12.19 2.38
N GLY A 250 -14.36 11.60 1.51
CA GLY A 250 -12.92 11.58 1.70
C GLY A 250 -12.45 10.44 2.59
N CYS A 251 -13.17 9.32 2.54
CA CYS A 251 -12.73 8.10 3.23
C CYS A 251 -11.54 7.46 2.48
N GLY A 252 -10.89 6.46 3.10
CA GLY A 252 -9.71 5.81 2.52
C GLY A 252 -9.91 5.10 1.19
N VAL A 253 -9.05 5.41 0.23
CA VAL A 253 -9.19 4.84 -1.10
C VAL A 253 -8.68 3.39 -1.16
N GLY A 254 -7.66 3.09 -0.35
CA GLY A 254 -6.94 1.85 -0.54
C GLY A 254 -7.69 0.59 -0.13
N ALA A 255 -8.17 0.59 1.10
CA ALA A 255 -8.97 -0.57 1.57
C ALA A 255 -10.16 -0.77 0.63
N HIS A 256 -10.76 0.33 0.19
CA HIS A 256 -11.91 0.25 -0.69
C HIS A 256 -11.57 -0.37 -2.04
N VAL A 257 -10.55 0.15 -2.71
CA VAL A 257 -10.14 -0.35 -4.01
C VAL A 257 -9.74 -1.83 -3.90
N VAL A 258 -9.00 -2.17 -2.86
CA VAL A 258 -8.58 -3.58 -2.71
C VAL A 258 -9.80 -4.51 -2.46
N GLN A 259 -10.75 -4.03 -1.65
CA GLN A 259 -11.96 -4.81 -1.43
C GLN A 259 -12.72 -5.05 -2.72
N VAL A 260 -12.87 -4.00 -3.52
CA VAL A 260 -13.55 -4.11 -4.82
C VAL A 260 -12.81 -5.12 -5.72
N LEU A 261 -11.48 -5.01 -5.77
CA LEU A 261 -10.71 -5.94 -6.60
C LEU A 261 -10.87 -7.40 -6.12
N TYR A 262 -10.78 -7.59 -4.80
CA TYR A 262 -10.97 -8.92 -4.19
C TYR A 262 -12.34 -9.48 -4.52
N ASP A 263 -13.38 -8.67 -4.35
CA ASP A 263 -14.74 -9.15 -4.64
C ASP A 263 -14.85 -9.56 -6.13
N ASN A 264 -14.22 -8.78 -7.01
CA ASN A 264 -14.28 -9.07 -8.44
C ASN A 264 -13.47 -10.31 -8.80
N ALA A 265 -12.40 -10.56 -8.05
CA ALA A 265 -11.60 -11.76 -8.27
C ALA A 265 -12.42 -12.96 -7.81
N VAL A 266 -13.07 -12.84 -6.65
CA VAL A 266 -13.86 -13.96 -6.13
C VAL A 266 -14.99 -14.28 -7.11
N LYS A 267 -15.64 -13.23 -7.63
CA LYS A 267 -16.72 -13.39 -8.63
C LYS A 267 -16.30 -14.22 -9.85
N ARG A 268 -15.05 -14.02 -10.29
CA ARG A 268 -14.48 -14.70 -11.45
C ARG A 268 -13.83 -16.03 -11.10
N ASN A 269 -13.96 -16.45 -9.85
CA ASN A 269 -13.31 -17.68 -9.41
C ASN A 269 -11.83 -17.76 -9.67
N ILE A 270 -11.15 -16.62 -9.50
CA ILE A 270 -9.72 -16.60 -9.66
C ILE A 270 -9.04 -17.34 -8.52
N ASP A 271 -8.13 -18.24 -8.91
CA ASP A 271 -7.33 -19.04 -8.00
C ASP A 271 -6.31 -18.16 -7.25
N LEU A 272 -6.64 -17.82 -6.01
CA LEU A 272 -5.79 -16.99 -5.14
C LEU A 272 -5.20 -17.88 -4.05
N ARG A 273 -3.88 -17.83 -3.91
CA ARG A 273 -3.17 -18.67 -2.94
C ARG A 273 -2.37 -17.84 -1.97
N MET A 274 -2.78 -17.87 -0.69
CA MET A 274 -2.03 -17.16 0.35
C MET A 274 -0.85 -17.97 0.87
N ASN A 275 0.00 -17.30 1.65
CA ASN A 275 1.18 -17.94 2.20
C ASN A 275 1.97 -18.66 1.11
N THR A 276 2.02 -18.05 -0.08
CA THR A 276 2.64 -18.66 -1.23
C THR A 276 3.58 -17.64 -1.85
N ARG A 277 4.88 -17.89 -1.70
CA ARG A 277 5.87 -16.92 -2.14
C ARG A 277 6.52 -17.28 -3.46
N GLY A 278 6.54 -16.32 -4.38
CA GLY A 278 7.22 -16.53 -5.66
C GLY A 278 8.72 -16.47 -5.41
N ILE A 279 9.44 -17.49 -5.87
CA ILE A 279 10.87 -17.60 -5.58
C ILE A 279 11.76 -17.41 -6.77
N GLU A 280 11.41 -18.04 -7.90
CA GLU A 280 12.31 -18.09 -9.05
C GLU A 280 11.52 -18.22 -10.33
N VAL A 281 11.70 -17.25 -11.23
CA VAL A 281 11.09 -17.35 -12.54
C VAL A 281 11.89 -18.36 -13.34
N LEU A 282 11.18 -19.29 -13.99
CA LEU A 282 11.79 -20.34 -14.79
C LEU A 282 11.73 -19.95 -16.25
N LYS A 283 12.86 -20.15 -16.95
CA LYS A 283 12.92 -19.82 -18.37
C LYS A 283 13.34 -21.04 -19.16
N ASP A 284 12.91 -21.09 -20.42
CA ASP A 284 13.24 -22.21 -21.29
C ASP A 284 14.59 -21.99 -21.97
N ASP A 285 14.94 -22.87 -22.90
CA ASP A 285 16.24 -22.82 -23.55
C ASP A 285 16.45 -21.62 -24.47
N LYS A 286 15.38 -20.90 -24.78
CA LYS A 286 15.47 -19.67 -25.55
C LYS A 286 15.31 -18.42 -24.69
N GLY A 287 15.32 -18.61 -23.38
CA GLY A 287 15.17 -17.48 -22.49
C GLY A 287 13.77 -16.88 -22.34
N THR A 288 12.73 -17.61 -22.73
CA THR A 288 11.35 -17.13 -22.48
C THR A 288 10.80 -17.79 -21.24
N VAL A 289 9.88 -17.11 -20.56
CA VAL A 289 9.30 -17.68 -19.36
C VAL A 289 8.60 -19.01 -19.64
N LYS A 290 8.81 -19.98 -18.76
CA LYS A 290 8.10 -21.27 -18.84
C LYS A 290 7.35 -21.58 -17.54
N GLY A 291 7.60 -20.81 -16.49
CA GLY A 291 6.79 -20.97 -15.27
C GLY A 291 7.48 -20.34 -14.09
N ILE A 292 7.11 -20.77 -12.89
CA ILE A 292 7.70 -20.17 -11.70
C ILE A 292 7.73 -21.17 -10.57
N LEU A 293 8.85 -21.18 -9.85
CA LEU A 293 9.01 -21.94 -8.62
C LEU A 293 8.48 -21.11 -7.47
N VAL A 294 7.60 -21.70 -6.68
CA VAL A 294 7.05 -20.99 -5.51
C VAL A 294 7.32 -21.79 -4.23
N LYS A 295 7.15 -21.15 -3.09
CA LYS A 295 7.33 -21.83 -1.83
C LYS A 295 6.06 -21.61 -1.02
N GLY A 296 5.32 -22.70 -0.81
CA GLY A 296 4.13 -22.63 0.03
C GLY A 296 4.57 -22.80 1.46
N MET A 297 4.08 -21.95 2.35
CA MET A 297 4.47 -21.99 3.76
C MET A 297 4.17 -23.36 4.38
N TYR A 298 3.07 -23.97 3.92
CA TYR A 298 2.57 -25.20 4.54
C TYR A 298 2.78 -26.43 3.71
N LYS A 299 2.78 -26.27 2.39
CA LYS A 299 2.87 -27.43 1.48
C LYS A 299 4.26 -27.54 0.80
N GLY A 300 5.14 -26.56 0.98
CA GLY A 300 6.50 -26.65 0.48
C GLY A 300 6.70 -26.10 -0.93
N TYR A 301 7.84 -26.42 -1.53
CA TYR A 301 8.16 -25.96 -2.88
C TYR A 301 7.38 -26.69 -3.94
N TYR A 302 6.95 -25.97 -4.94
CA TYR A 302 6.40 -26.58 -6.15
C TYR A 302 6.52 -25.58 -7.28
N TRP A 303 6.32 -26.03 -8.52
CA TRP A 303 6.32 -25.08 -9.63
C TRP A 303 5.04 -25.12 -10.42
N VAL A 304 4.78 -23.97 -11.05
CA VAL A 304 3.64 -23.76 -11.93
C VAL A 304 4.20 -23.52 -13.34
N LYS A 305 3.66 -24.24 -14.31
CA LYS A 305 4.02 -24.08 -15.73
C LYS A 305 3.10 -23.03 -16.29
N ALA A 306 3.66 -22.01 -16.95
CA ALA A 306 2.86 -20.90 -17.49
C ALA A 306 3.62 -20.18 -18.60
N ASP A 307 2.90 -19.59 -19.54
CA ASP A 307 3.51 -18.75 -20.59
C ASP A 307 4.06 -17.43 -20.05
N ALA A 308 3.38 -16.88 -19.06
CA ALA A 308 3.74 -15.55 -18.59
C ALA A 308 3.74 -15.45 -17.07
N VAL A 309 4.65 -14.66 -16.54
CA VAL A 309 4.66 -14.34 -15.12
C VAL A 309 4.61 -12.83 -14.98
N ILE A 310 3.69 -12.32 -14.16
CA ILE A 310 3.56 -10.88 -13.89
C ILE A 310 4.03 -10.60 -12.46
N LEU A 311 5.14 -9.90 -12.33
CA LEU A 311 5.63 -9.54 -10.99
C LEU A 311 4.92 -8.27 -10.55
N ALA A 312 4.13 -8.37 -9.46
CA ALA A 312 3.37 -7.22 -8.95
C ALA A 312 3.62 -7.15 -7.43
N THR A 313 4.91 -7.12 -7.07
CA THR A 313 5.33 -7.44 -5.71
C THR A 313 5.55 -6.23 -4.81
N GLY A 314 5.30 -5.03 -5.35
CA GLY A 314 5.45 -3.82 -4.54
C GLY A 314 6.91 -3.40 -4.37
N GLY A 315 7.07 -2.44 -3.45
CA GLY A 315 8.35 -1.80 -3.18
C GLY A 315 9.16 -2.44 -2.08
N PHE A 316 10.25 -1.74 -1.70
CA PHE A 316 11.11 -2.21 -0.61
C PHE A 316 11.23 -1.23 0.56
N ALA A 317 10.27 -0.32 0.71
CA ALA A 317 10.39 0.73 1.72
C ALA A 317 10.41 0.26 3.18
N LYS A 318 9.99 -0.98 3.46
CA LYS A 318 10.10 -1.54 4.81
C LYS A 318 11.52 -1.95 5.17
N ASN A 319 12.33 -2.19 4.16
CA ASN A 319 13.66 -2.75 4.34
C ASN A 319 14.66 -1.60 4.52
N ASN A 320 14.84 -1.18 5.78
CA ASN A 320 15.66 0.01 5.99
C ASN A 320 17.14 -0.23 5.66
N GLU A 321 17.59 -1.48 5.77
CA GLU A 321 18.97 -1.78 5.43
C GLU A 321 19.22 -1.54 3.94
N ARG A 322 18.30 -2.01 3.08
CA ARG A 322 18.46 -1.79 1.65
C ARG A 322 18.27 -0.32 1.28
N VAL A 323 17.29 0.32 1.92
CA VAL A 323 17.02 1.75 1.71
C VAL A 323 18.27 2.58 2.05
N ALA A 324 18.87 2.31 3.22
CA ALA A 324 20.00 3.14 3.71
C ALA A 324 21.23 3.01 2.83
N LYS A 325 21.43 1.84 2.20
CA LYS A 325 22.54 1.74 1.26
C LYS A 325 22.36 2.59 0.03
N LEU A 326 21.10 2.83 -0.35
CA LEU A 326 20.80 3.62 -1.53
C LEU A 326 20.64 5.10 -1.24
N ASP A 327 20.07 5.42 -0.07
CA ASP A 327 19.92 6.78 0.37
C ASP A 327 20.21 6.83 1.86
N PRO A 328 21.47 7.12 2.21
CA PRO A 328 21.88 7.14 3.61
C PRO A 328 21.11 8.14 4.46
N SER A 329 20.50 9.15 3.84
CA SER A 329 19.77 10.15 4.63
C SER A 329 18.53 9.56 5.31
N LEU A 330 18.12 8.34 4.90
CA LEU A 330 16.93 7.68 5.42
C LEU A 330 17.26 6.57 6.40
N LYS A 331 18.53 6.45 6.76
CA LYS A 331 18.93 5.40 7.70
C LYS A 331 18.26 5.62 9.04
N GLY A 332 17.65 4.56 9.56
CA GLY A 332 17.06 4.58 10.89
C GLY A 332 15.68 5.20 10.98
N PHE A 333 15.11 5.65 9.86
CA PHE A 333 13.75 6.18 9.82
C PHE A 333 12.71 5.05 10.01
N ILE A 334 11.54 5.41 10.54
CA ILE A 334 10.41 4.49 10.59
C ILE A 334 9.79 4.41 9.19
N SER A 335 9.11 3.31 8.90
CA SER A 335 8.43 3.07 7.61
C SER A 335 6.92 3.14 7.79
N THR A 336 6.25 3.51 6.69
CA THR A 336 4.78 3.41 6.64
C THR A 336 4.27 2.05 6.19
N ASN A 337 5.18 1.14 5.87
CA ASN A 337 4.81 -0.04 5.08
C ASN A 337 4.41 -1.26 5.87
N GLN A 338 3.73 -2.16 5.15
CA GLN A 338 3.42 -3.51 5.61
C GLN A 338 4.74 -4.31 5.81
N PRO A 339 4.75 -5.30 6.71
CA PRO A 339 6.02 -5.93 7.11
C PRO A 339 6.76 -6.69 5.98
N GLY A 340 6.04 -7.08 4.92
CA GLY A 340 6.66 -7.82 3.84
C GLY A 340 7.17 -7.01 2.66
N ALA A 341 7.10 -5.67 2.74
CA ALA A 341 7.49 -4.82 1.61
C ALA A 341 9.03 -4.64 1.61
N VAL A 342 9.77 -5.69 1.32
CA VAL A 342 11.21 -5.69 1.55
C VAL A 342 12.06 -5.87 0.30
N GLY A 343 11.40 -5.98 -0.85
CA GLY A 343 12.10 -6.02 -2.15
C GLY A 343 12.50 -7.39 -2.65
N ASP A 344 11.97 -8.45 -2.05
CA ASP A 344 12.29 -9.81 -2.53
C ASP A 344 11.80 -10.01 -3.98
N GLY A 345 10.71 -9.33 -4.36
CA GLY A 345 10.23 -9.39 -5.74
C GLY A 345 11.23 -8.82 -6.75
N LEU A 346 11.95 -7.76 -6.37
CA LEU A 346 13.05 -7.28 -7.20
C LEU A 346 14.18 -8.28 -7.38
N ASP A 347 14.50 -9.00 -6.31
CA ASP A 347 15.53 -10.01 -6.38
C ASP A 347 15.10 -11.07 -7.38
N VAL A 348 13.82 -11.44 -7.33
CA VAL A 348 13.26 -12.40 -8.31
C VAL A 348 13.41 -11.88 -9.74
N ALA A 349 13.01 -10.62 -9.94
CA ALA A 349 13.18 -9.96 -11.24
C ALA A 349 14.62 -9.96 -11.72
N GLU A 350 15.58 -9.59 -10.85
CA GLU A 350 16.99 -9.55 -11.29
C GLU A 350 17.53 -10.94 -11.62
N ASN A 351 17.13 -11.93 -10.82
CA ASN A 351 17.61 -13.26 -11.03
C ASN A 351 17.10 -13.83 -12.37
N ALA A 352 15.98 -13.29 -12.85
CA ALA A 352 15.35 -13.66 -14.11
C ALA A 352 15.95 -12.86 -15.26
N GLY A 353 16.87 -11.95 -14.96
CA GLY A 353 17.56 -11.17 -15.99
C GLY A 353 17.12 -9.71 -16.10
N GLY A 354 16.10 -9.34 -15.34
CA GLY A 354 15.63 -7.97 -15.37
C GLY A 354 16.59 -6.94 -14.82
N ALA A 355 16.68 -5.82 -15.52
CA ALA A 355 17.50 -4.71 -15.08
C ALA A 355 16.69 -3.86 -14.14
N LEU A 356 17.35 -3.22 -13.16
CA LEU A 356 16.72 -2.19 -12.31
C LEU A 356 17.15 -0.79 -12.71
N LYS A 357 16.32 0.21 -12.39
CA LYS A 357 16.65 1.60 -12.62
C LYS A 357 16.05 2.50 -11.54
N ASP A 358 16.64 3.68 -11.36
CA ASP A 358 16.12 4.70 -10.45
C ASP A 358 16.06 4.25 -8.98
N MET A 359 16.85 3.25 -8.61
CA MET A 359 16.78 2.65 -7.27
C MET A 359 17.16 3.62 -6.16
N GLN A 360 17.99 4.60 -6.51
CA GLN A 360 18.41 5.57 -5.51
C GLN A 360 17.32 6.56 -5.10
N TYR A 361 16.20 6.61 -5.82
CA TYR A 361 15.17 7.61 -5.53
C TYR A 361 14.12 6.99 -4.61
N ILE A 362 14.16 7.37 -3.36
CA ILE A 362 13.29 6.75 -2.36
C ILE A 362 12.55 7.89 -1.66
N GLN A 363 11.22 7.75 -1.56
CA GLN A 363 10.39 8.81 -0.97
C GLN A 363 10.12 8.58 0.49
N ALA A 364 10.36 9.62 1.29
CA ALA A 364 9.81 9.70 2.63
C ALA A 364 8.48 10.43 2.54
N HIS A 365 7.44 9.85 3.15
CA HIS A 365 6.20 10.58 3.34
C HIS A 365 6.47 11.63 4.40
N PRO A 366 6.11 12.89 4.17
CA PRO A 366 6.44 13.94 5.14
C PRO A 366 5.76 13.83 6.48
N THR A 367 4.62 13.13 6.54
CA THR A 367 3.84 13.13 7.77
C THR A 367 3.43 11.78 8.32
N LEU A 368 4.37 11.06 8.94
CA LEU A 368 4.03 9.96 9.87
C LEU A 368 3.69 10.52 11.24
N SER A 369 2.67 9.96 11.88
CA SER A 369 2.34 10.29 13.25
C SER A 369 3.50 9.87 14.13
N VAL A 370 4.06 10.81 14.89
CA VAL A 370 5.09 10.46 15.86
C VAL A 370 4.54 9.53 16.92
N LYS A 371 3.34 9.85 17.42
CA LYS A 371 2.70 9.05 18.47
C LYS A 371 2.29 7.66 18.01
N GLY A 372 1.69 7.57 16.83
CA GLY A 372 1.15 6.29 16.35
C GLY A 372 2.06 5.48 15.43
N GLY A 373 3.10 6.11 14.89
CA GLY A 373 3.98 5.42 13.96
C GLY A 373 3.31 4.94 12.68
N VAL A 374 2.22 5.61 12.28
CA VAL A 374 1.54 5.32 11.01
C VAL A 374 1.42 6.57 10.16
N MET A 375 1.31 6.39 8.84
CA MET A 375 1.11 7.51 7.93
C MET A 375 -0.14 8.33 8.28
N VAL A 376 0.00 9.65 8.26
CA VAL A 376 -1.14 10.55 8.31
C VAL A 376 -1.33 11.17 6.94
N THR A 377 -2.49 10.96 6.33
CA THR A 377 -2.63 11.31 4.92
C THR A 377 -2.34 12.77 4.54
N GLU A 378 -1.71 12.92 3.38
CA GLU A 378 -1.44 14.20 2.78
C GLU A 378 -2.75 14.95 2.51
N ALA A 379 -3.84 14.19 2.41
CA ALA A 379 -5.16 14.79 2.24
C ALA A 379 -5.56 15.68 3.44
N VAL A 380 -4.98 15.46 4.64
CA VAL A 380 -5.24 16.38 5.77
C VAL A 380 -4.77 17.78 5.38
N ARG A 381 -3.59 17.86 4.78
CA ARG A 381 -3.07 19.16 4.28
C ARG A 381 -3.83 19.63 3.03
N GLY A 382 -4.10 18.72 2.09
CA GLY A 382 -4.87 19.08 0.91
C GLY A 382 -6.23 19.69 1.23
N ASN A 383 -6.90 19.15 2.25
CA ASN A 383 -8.23 19.64 2.61
C ASN A 383 -8.15 20.87 3.51
N GLY A 384 -6.94 21.36 3.82
CA GLY A 384 -6.82 22.65 4.49
C GLY A 384 -5.95 22.82 5.73
N ALA A 385 -5.46 21.72 6.31
CA ALA A 385 -4.58 21.83 7.49
C ALA A 385 -3.30 22.56 7.16
N ILE A 386 -2.75 23.25 8.16
CA ILE A 386 -1.38 23.79 8.06
C ILE A 386 -0.40 22.98 8.87
N LEU A 387 0.89 23.31 8.70
CA LEU A 387 1.95 22.78 9.52
C LEU A 387 2.56 23.89 10.34
N VAL A 388 2.78 23.63 11.62
CA VAL A 388 3.52 24.56 12.49
C VAL A 388 4.63 23.85 13.22
N ASN A 389 5.67 24.63 13.56
CA ASN A 389 6.78 24.09 14.34
C ASN A 389 6.52 24.34 15.83
N ARG A 390 7.49 23.97 16.67
CA ARG A 390 7.29 24.11 18.10
C ARG A 390 7.19 25.56 18.53
N GLU A 391 7.77 26.44 17.71
CA GLU A 391 7.67 27.87 17.92
C GLU A 391 6.29 28.44 17.55
N GLY A 392 5.42 27.58 17.03
CA GLY A 392 4.05 27.96 16.67
C GLY A 392 3.88 28.72 15.37
N LYS A 393 4.84 28.57 14.46
CA LYS A 393 4.83 29.27 13.18
C LYS A 393 4.72 28.33 12.01
N ARG A 394 4.11 28.80 10.94
CA ARG A 394 4.24 28.14 9.64
C ARG A 394 5.67 28.27 9.17
N PHE A 395 6.07 27.32 8.34
CA PHE A 395 7.47 27.23 7.87
C PHE A 395 7.60 26.65 6.44
N VAL A 396 6.50 26.14 5.87
CA VAL A 396 6.51 25.54 4.54
C VAL A 396 5.14 25.63 3.86
N ASN A 397 5.15 25.67 2.53
CA ASN A 397 3.95 25.45 1.73
C ASN A 397 3.56 23.99 1.90
N GLU A 398 2.41 23.77 2.55
CA GLU A 398 2.07 22.44 3.05
C GLU A 398 1.66 21.49 1.93
N ILE A 399 1.49 22.03 0.71
CA ILE A 399 1.09 21.22 -0.44
C ILE A 399 2.17 21.22 -1.54
N THR A 400 3.40 21.45 -1.11
CA THR A 400 4.51 21.30 -2.03
C THR A 400 4.80 19.80 -2.18
N THR A 401 5.85 19.48 -2.92
CA THR A 401 6.22 18.09 -3.14
C THR A 401 6.86 17.47 -1.90
N ARG A 402 6.88 16.16 -1.87
CA ARG A 402 7.23 15.44 -0.63
C ARG A 402 8.69 15.54 -0.24
N ASP A 403 9.57 15.65 -1.24
CA ASP A 403 10.98 15.89 -0.96
C ASP A 403 11.17 17.20 -0.17
N LYS A 404 10.53 18.26 -0.66
CA LYS A 404 10.67 19.59 -0.04
C LYS A 404 9.96 19.65 1.31
N ALA A 405 8.76 19.09 1.39
CA ALA A 405 8.04 19.07 2.66
C ALA A 405 8.78 18.27 3.74
N SER A 406 9.35 17.13 3.38
CA SER A 406 10.07 16.32 4.34
C SER A 406 11.29 17.05 4.88
N ALA A 407 12.04 17.66 3.95
CA ALA A 407 13.23 18.42 4.35
C ALA A 407 12.86 19.55 5.28
N ALA A 408 11.74 20.23 4.99
CA ALA A 408 11.34 21.38 5.80
C ALA A 408 10.99 20.93 7.22
N ILE A 409 10.25 19.83 7.35
CA ILE A 409 9.87 19.36 8.67
C ILE A 409 11.11 18.95 9.47
N LEU A 410 12.06 18.28 8.81
CA LEU A 410 13.26 17.78 9.47
C LEU A 410 14.15 18.95 9.93
N ALA A 411 14.00 20.09 9.28
CA ALA A 411 14.78 21.30 9.62
C ALA A 411 14.25 21.98 10.87
N GLN A 412 13.04 21.63 11.29
CA GLN A 412 12.44 22.30 12.45
C GLN A 412 12.95 21.75 13.76
N THR A 413 12.75 22.52 14.82
CA THR A 413 13.16 22.15 16.18
C THR A 413 12.57 20.81 16.57
N GLY A 414 13.45 19.87 16.95
CA GLY A 414 13.00 18.52 17.29
C GLY A 414 12.79 17.58 16.10
N LYS A 415 13.01 18.08 14.90
CA LYS A 415 12.87 17.33 13.66
C LYS A 415 11.46 16.77 13.48
N SER A 416 10.48 17.53 13.97
CA SER A 416 9.08 17.18 13.79
C SER A 416 8.26 18.45 13.75
N ALA A 417 6.99 18.35 13.35
CA ALA A 417 6.16 19.53 13.25
C ALA A 417 4.77 19.07 13.63
N TYR A 418 3.80 19.98 13.54
CA TYR A 418 2.42 19.62 13.89
C TYR A 418 1.48 20.00 12.79
N LEU A 419 0.62 19.04 12.39
CA LEU A 419 -0.55 19.38 11.60
C LEU A 419 -1.51 20.10 12.55
N ILE A 420 -2.04 21.23 12.09
CA ILE A 420 -3.05 22.01 12.82
C ILE A 420 -4.30 22.20 11.97
N PHE A 421 -5.46 21.89 12.56
CA PHE A 421 -6.71 22.05 11.81
C PHE A 421 -7.86 22.20 12.79
N ASP A 422 -9.04 22.47 12.24
CA ASP A 422 -10.25 22.70 13.04
C ASP A 422 -11.32 21.68 12.66
N ASP A 423 -12.55 21.90 13.14
CA ASP A 423 -13.63 20.98 12.83
C ASP A 423 -14.13 21.08 11.39
N SER A 424 -14.01 22.23 10.74
CA SER A 424 -14.36 22.28 9.31
C SER A 424 -13.49 21.35 8.45
N VAL A 425 -12.17 21.37 8.70
CA VAL A 425 -11.27 20.41 8.06
C VAL A 425 -11.60 18.96 8.46
N ARG A 426 -11.83 18.73 9.75
CA ARG A 426 -12.15 17.38 10.22
C ARG A 426 -13.38 16.82 9.50
N LYS A 427 -14.44 17.62 9.44
CA LYS A 427 -15.68 17.18 8.77
C LYS A 427 -15.54 16.95 7.27
N SER A 428 -14.59 17.65 6.65
CA SER A 428 -14.37 17.55 5.21
C SER A 428 -13.69 16.26 4.75
N LEU A 429 -13.05 15.55 5.68
CA LEU A 429 -12.21 14.41 5.31
C LEU A 429 -12.46 13.26 6.25
N CYS A 430 -13.30 12.34 5.80
CA CYS A 430 -13.71 11.20 6.59
C CYS A 430 -12.52 10.49 7.23
N LYS A 431 -11.38 10.44 6.53
CA LYS A 431 -10.23 9.72 7.05
C LYS A 431 -9.69 10.32 8.36
N ILE A 432 -9.92 11.61 8.63
CA ILE A 432 -9.39 12.23 9.86
C ILE A 432 -9.96 11.63 11.15
N ASP A 433 -11.22 11.22 11.11
CA ASP A 433 -11.78 10.57 12.29
C ASP A 433 -11.05 9.29 12.70
N LYS A 434 -10.36 8.66 11.76
CA LYS A 434 -9.53 7.49 12.05
C LYS A 434 -8.33 7.91 12.94
N TYR A 435 -7.72 9.08 12.67
CA TYR A 435 -6.59 9.52 13.51
C TYR A 435 -7.05 9.87 14.91
N ILE A 436 -8.27 10.44 15.00
CA ILE A 436 -8.80 10.76 16.31
C ILE A 436 -9.03 9.46 17.08
N GLY A 437 -9.60 8.47 16.42
CA GLY A 437 -9.81 7.16 17.01
C GLY A 437 -8.53 6.49 17.47
N LEU A 438 -7.45 6.67 16.71
CA LEU A 438 -6.15 6.11 17.08
C LEU A 438 -5.52 6.79 18.31
N GLY A 439 -6.01 7.98 18.64
CA GLY A 439 -5.54 8.73 19.80
C GLY A 439 -4.39 9.68 19.50
N VAL A 440 -4.20 10.00 18.22
CA VAL A 440 -3.03 10.79 17.82
C VAL A 440 -3.40 12.22 17.42
N ALA A 441 -4.63 12.63 17.74
CA ALA A 441 -5.07 13.98 17.35
C ALA A 441 -5.66 14.73 18.56
N PRO A 442 -4.81 15.09 19.52
CA PRO A 442 -5.26 15.86 20.68
C PRO A 442 -5.99 17.13 20.29
N THR A 443 -6.93 17.54 21.13
CA THR A 443 -7.86 18.59 20.75
C THR A 443 -8.11 19.53 21.90
N ALA A 444 -8.47 20.76 21.58
CA ALA A 444 -8.87 21.73 22.61
C ALA A 444 -9.72 22.81 22.01
N ASP A 445 -10.43 23.56 22.85
CA ASP A 445 -11.31 24.59 22.32
C ASP A 445 -10.61 25.92 22.04
N SER A 446 -9.31 26.00 22.37
CA SER A 446 -8.51 27.15 21.98
C SER A 446 -7.11 26.73 21.59
N LEU A 447 -6.45 27.53 20.76
CA LEU A 447 -5.08 27.24 20.35
C LEU A 447 -4.09 27.43 21.48
N VAL A 448 -4.36 28.37 22.40
CA VAL A 448 -3.53 28.51 23.59
C VAL A 448 -3.55 27.23 24.42
N LYS A 449 -4.73 26.64 24.64
CA LYS A 449 -4.79 25.41 25.43
C LYS A 449 -4.10 24.26 24.70
N LEU A 450 -4.37 24.13 23.39
CA LEU A 450 -3.74 23.09 22.58
C LEU A 450 -2.22 23.22 22.58
N GLY A 451 -1.72 24.45 22.45
CA GLY A 451 -0.30 24.71 22.45
C GLY A 451 0.34 24.27 23.76
N LYS A 452 -0.29 24.62 24.88
CA LYS A 452 0.20 24.22 26.19
C LYS A 452 0.16 22.69 26.35
N MET A 453 -0.88 22.05 25.83
CA MET A 453 -0.99 20.59 25.87
C MET A 453 0.18 19.94 25.13
N GLU A 454 0.50 20.48 23.94
CA GLU A 454 1.43 19.82 23.02
C GLU A 454 2.87 20.35 22.97
N GLY A 455 3.18 21.37 23.76
CA GLY A 455 4.49 21.99 23.74
C GLY A 455 4.73 22.87 22.52
N ILE A 456 3.68 23.56 22.08
CA ILE A 456 3.77 24.57 21.03
C ILE A 456 3.50 25.91 21.69
N ASP A 457 4.30 26.92 21.34
CA ASP A 457 4.07 28.29 21.81
C ASP A 457 2.61 28.71 21.50
N GLY A 458 1.81 28.86 22.56
CA GLY A 458 0.37 29.03 22.44
C GLY A 458 -0.08 30.36 21.85
N LYS A 459 0.58 31.45 22.23
CA LYS A 459 0.28 32.77 21.70
C LYS A 459 0.69 32.85 20.23
N ALA A 460 1.87 32.30 19.93
CA ALA A 460 2.39 32.32 18.57
C ALA A 460 1.47 31.49 17.67
N LEU A 461 1.06 30.32 18.17
CA LEU A 461 0.10 29.46 17.46
C LEU A 461 -1.21 30.20 17.15
N THR A 462 -1.75 30.87 18.17
CA THR A 462 -2.97 31.63 17.99
C THR A 462 -2.80 32.69 16.90
N GLU A 463 -1.70 33.42 16.96
CA GLU A 463 -1.48 34.49 16.00
C GLU A 463 -1.20 33.93 14.61
N THR A 464 -0.55 32.78 14.56
CA THR A 464 -0.27 32.10 13.31
C THR A 464 -1.55 31.70 12.56
N VAL A 465 -2.51 31.17 13.29
CA VAL A 465 -3.76 30.72 12.65
C VAL A 465 -4.58 31.93 12.22
N ALA A 466 -4.59 32.98 13.04
CA ALA A 466 -5.26 34.23 12.66
C ALA A 466 -4.71 34.81 11.34
N ARG A 467 -3.39 34.86 11.24
CA ARG A 467 -2.70 35.35 10.06
C ARG A 467 -3.00 34.47 8.86
N TYR A 468 -2.88 33.15 9.04
CA TYR A 468 -3.20 32.22 7.98
C TYR A 468 -4.63 32.44 7.47
N ASN A 469 -5.59 32.55 8.39
CA ASN A 469 -6.98 32.73 8.00
C ASN A 469 -7.19 34.01 7.22
N SER A 470 -6.43 35.05 7.59
CA SER A 470 -6.41 36.29 6.84
C SER A 470 -5.96 36.07 5.40
N LEU A 471 -4.92 35.23 5.21
CA LEU A 471 -4.41 34.93 3.88
C LEU A 471 -5.41 34.13 3.07
N VAL A 472 -6.16 33.24 3.74
CA VAL A 472 -7.21 32.48 3.08
C VAL A 472 -8.29 33.43 2.53
N SER A 473 -8.67 34.39 3.37
CA SER A 473 -9.72 35.36 3.02
C SER A 473 -9.27 36.23 1.84
N SER A 474 -8.04 36.73 1.88
CA SER A 474 -7.55 37.55 0.77
C SER A 474 -7.18 36.74 -0.48
N GLY A 475 -7.03 35.43 -0.30
CA GLY A 475 -6.83 34.52 -1.41
C GLY A 475 -5.40 34.34 -1.90
N LYS A 476 -4.42 34.76 -1.12
CA LYS A 476 -3.03 34.64 -1.54
C LYS A 476 -2.12 34.43 -0.33
N ASP A 477 -1.34 33.36 -0.35
CA ASP A 477 -0.41 33.09 0.73
C ASP A 477 0.92 33.77 0.43
N THR A 478 1.09 34.98 0.94
CA THR A 478 2.29 35.76 0.70
C THR A 478 3.46 35.32 1.56
N ASP A 479 3.20 34.42 2.51
CA ASP A 479 4.22 33.90 3.40
C ASP A 479 4.96 32.72 2.81
N PHE A 480 4.22 31.71 2.34
CA PHE A 480 4.82 30.48 1.78
C PHE A 480 4.38 30.11 0.36
N GLU A 481 3.57 30.96 -0.26
CA GLU A 481 3.11 30.75 -1.65
C GLU A 481 2.33 29.46 -1.85
N ARG A 482 1.68 28.98 -0.80
CA ARG A 482 0.75 27.87 -0.98
C ARG A 482 -0.34 28.25 -1.99
N PRO A 483 -0.47 27.50 -3.08
CA PRO A 483 -1.35 27.91 -4.19
C PRO A 483 -2.83 27.61 -4.03
N ASN A 484 -3.24 26.88 -2.98
CA ASN A 484 -4.62 26.47 -2.82
C ASN A 484 -4.93 26.57 -1.34
N LEU A 485 -5.92 27.39 -1.01
CA LEU A 485 -6.23 27.76 0.37
C LEU A 485 -7.71 27.49 0.58
N PRO A 486 -8.06 26.24 0.82
CA PRO A 486 -9.47 25.81 0.66
C PRO A 486 -10.39 26.15 1.83
N ARG A 487 -9.84 26.33 3.02
CA ARG A 487 -10.62 26.45 4.26
C ARG A 487 -9.91 27.35 5.25
N ALA A 488 -10.68 28.21 5.91
CA ALA A 488 -10.21 28.89 7.10
C ALA A 488 -10.29 27.92 8.28
N LEU A 489 -9.34 28.00 9.21
CA LEU A 489 -9.32 27.13 10.37
C LEU A 489 -10.01 27.84 11.53
N ASN A 490 -11.33 27.78 11.55
CA ASN A 490 -12.10 28.63 12.44
C ASN A 490 -13.46 28.11 12.87
N GLU A 491 -13.72 26.82 12.63
CA GLU A 491 -14.96 26.22 13.08
C GLU A 491 -14.70 25.25 14.21
N GLY A 492 -15.35 25.44 15.34
CA GLY A 492 -15.31 24.49 16.44
C GLY A 492 -13.99 24.41 17.16
N ASN A 493 -13.59 23.19 17.49
CA ASN A 493 -12.34 22.94 18.19
C ASN A 493 -11.15 22.76 17.24
N TYR A 494 -9.96 22.75 17.83
CA TYR A 494 -8.71 22.64 17.10
C TYR A 494 -8.04 21.32 17.43
N TYR A 495 -7.27 20.81 16.46
CA TYR A 495 -6.54 19.53 16.62
C TYR A 495 -5.08 19.73 16.24
N ALA A 496 -4.19 18.97 16.87
CA ALA A 496 -2.76 18.96 16.53
C ALA A 496 -2.38 17.50 16.31
N ILE A 497 -1.59 17.22 15.29
CA ILE A 497 -0.99 15.88 15.13
C ILE A 497 0.52 16.07 14.94
N GLU A 498 1.32 15.56 15.87
CA GLU A 498 2.77 15.61 15.73
C GLU A 498 3.21 14.67 14.61
N VAL A 499 3.97 15.22 13.64
CA VAL A 499 4.35 14.45 12.46
C VAL A 499 5.84 14.58 12.14
N THR A 500 6.39 13.54 11.51
CA THR A 500 7.79 13.56 11.05
C THR A 500 7.89 12.62 9.84
N PRO A 501 8.85 12.81 8.93
CA PRO A 501 8.95 11.91 7.78
C PRO A 501 9.25 10.44 8.09
N GLY A 502 8.67 9.56 7.28
CA GLY A 502 8.93 8.13 7.36
C GLY A 502 9.13 7.56 5.97
N VAL A 503 9.88 6.46 5.86
CA VAL A 503 10.18 5.89 4.54
C VAL A 503 8.90 5.28 4.02
N HIS A 504 8.57 5.53 2.76
CA HIS A 504 7.20 5.31 2.28
C HIS A 504 7.12 4.58 0.92
N HIS A 505 7.93 4.96 -0.05
CA HIS A 505 7.71 4.44 -1.42
C HIS A 505 9.05 4.39 -2.16
N THR A 506 9.29 3.29 -2.89
CA THR A 506 10.53 3.19 -3.67
C THR A 506 10.24 3.43 -5.14
N MET A 507 10.70 4.59 -5.65
CA MET A 507 10.40 4.98 -7.03
C MET A 507 11.15 4.14 -8.09
N GLY A 508 12.28 3.55 -7.72
CA GLY A 508 13.00 2.64 -8.59
C GLY A 508 12.46 1.23 -8.63
N GLY A 509 13.04 0.39 -9.47
CA GLY A 509 12.59 -1.00 -9.54
C GLY A 509 12.88 -1.54 -10.92
N VAL A 510 12.13 -2.57 -11.30
CA VAL A 510 12.43 -3.28 -12.53
C VAL A 510 12.10 -2.39 -13.74
N MET A 511 12.97 -2.46 -14.75
CA MET A 511 12.79 -1.67 -15.96
C MET A 511 11.71 -2.29 -16.83
N ILE A 512 10.67 -1.54 -17.11
CA ILE A 512 9.62 -1.99 -18.03
C ILE A 512 9.46 -1.03 -19.19
N ASP A 513 8.89 -1.56 -20.27
CA ASP A 513 8.46 -0.69 -21.37
C ASP A 513 6.99 -0.32 -21.23
N THR A 514 6.42 0.34 -22.23
CA THR A 514 5.04 0.83 -22.11
C THR A 514 4.01 -0.29 -22.21
N LYS A 515 4.47 -1.52 -22.45
CA LYS A 515 3.59 -2.69 -22.45
C LYS A 515 3.80 -3.53 -21.17
N ALA A 516 4.49 -2.95 -20.18
CA ALA A 516 4.81 -3.61 -18.91
C ALA A 516 5.72 -4.81 -19.04
N GLU A 517 6.45 -4.88 -20.15
CA GLU A 517 7.38 -5.97 -20.40
C GLU A 517 8.69 -5.64 -19.71
N VAL A 518 9.22 -6.60 -18.97
CA VAL A 518 10.49 -6.42 -18.27
C VAL A 518 11.64 -6.51 -19.25
N MET A 519 12.60 -5.62 -19.09
CA MET A 519 13.77 -5.60 -19.96
C MET A 519 15.06 -5.89 -19.21
N ASN A 520 16.04 -6.46 -19.92
CA ASN A 520 17.38 -6.61 -19.36
C ASN A 520 18.23 -5.34 -19.53
N ALA A 521 19.48 -5.39 -19.05
CA ALA A 521 20.39 -4.24 -19.08
C ALA A 521 20.69 -3.76 -20.50
N LYS A 522 20.53 -4.65 -21.47
CA LYS A 522 20.70 -4.31 -22.88
C LYS A 522 19.42 -3.71 -23.49
N LYS A 523 18.42 -3.47 -22.65
CA LYS A 523 17.11 -3.00 -23.06
C LYS A 523 16.41 -4.00 -23.98
N GLN A 524 16.73 -5.28 -23.79
CA GLN A 524 16.07 -6.37 -24.51
C GLN A 524 14.88 -6.90 -23.68
N VAL A 525 13.72 -7.09 -24.32
CA VAL A 525 12.53 -7.69 -23.62
C VAL A 525 12.81 -9.13 -23.22
N ILE A 526 12.41 -9.51 -22.01
CA ILE A 526 12.47 -10.91 -21.60
C ILE A 526 11.10 -11.49 -21.88
N PRO A 527 10.96 -12.33 -22.90
CA PRO A 527 9.61 -12.73 -23.32
C PRO A 527 8.85 -13.49 -22.24
N GLY A 528 7.64 -13.02 -21.96
CA GLY A 528 6.79 -13.66 -20.96
C GLY A 528 6.86 -13.04 -19.57
N LEU A 529 7.78 -12.09 -19.37
CA LEU A 529 7.97 -11.52 -18.03
C LEU A 529 7.52 -10.07 -17.98
N TYR A 530 6.68 -9.77 -17.01
CA TYR A 530 6.03 -8.48 -16.90
C TYR A 530 6.21 -7.96 -15.51
N GLY A 531 6.17 -6.63 -15.37
CA GLY A 531 6.25 -5.95 -14.06
C GLY A 531 5.20 -4.87 -13.99
N ALA A 532 4.52 -4.72 -12.83
CA ALA A 532 3.51 -3.67 -12.72
C ALA A 532 3.47 -3.20 -11.31
N GLY A 533 3.38 -1.88 -11.13
CA GLY A 533 3.15 -1.30 -9.82
C GLY A 533 4.44 -0.76 -9.21
N GLU A 534 4.49 -0.70 -7.88
CA GLU A 534 5.66 -0.10 -7.21
C GLU A 534 6.93 -0.93 -7.43
N VAL A 535 6.82 -2.18 -7.82
CA VAL A 535 8.01 -2.99 -8.20
C VAL A 535 8.75 -2.40 -9.40
N THR A 536 8.09 -1.58 -10.22
CA THR A 536 8.76 -1.03 -11.40
C THR A 536 9.48 0.28 -11.12
N GLY A 537 10.43 0.59 -12.00
CA GLY A 537 11.06 1.91 -12.03
C GLY A 537 10.76 2.64 -13.32
N GLY A 538 10.89 3.97 -13.28
CA GLY A 538 10.73 4.84 -14.44
C GLY A 538 9.45 5.64 -14.48
N VAL A 539 8.45 5.26 -13.66
CA VAL A 539 7.16 5.93 -13.73
C VAL A 539 7.20 7.23 -12.95
N HIS A 540 7.86 7.23 -11.77
CA HIS A 540 7.77 8.36 -10.83
C HIS A 540 9.02 9.23 -10.67
N GLY A 541 10.12 8.80 -11.28
CA GLY A 541 11.35 9.60 -11.23
C GLY A 541 11.85 9.83 -9.83
N ALA A 542 12.31 11.08 -9.57
CA ALA A 542 13.01 11.41 -8.33
C ALA A 542 12.08 11.74 -7.16
N ASN A 543 10.79 11.83 -7.45
CA ASN A 543 9.81 12.18 -6.43
C ASN A 543 8.42 11.88 -6.95
N ARG A 544 7.72 10.95 -6.28
CA ARG A 544 6.37 10.61 -6.69
C ARG A 544 5.34 11.61 -6.17
N LEU A 545 4.35 11.97 -6.98
CA LEU A 545 3.24 12.79 -6.46
C LEU A 545 2.30 11.94 -5.64
N GLY A 546 1.82 12.49 -4.53
CA GLY A 546 0.73 11.83 -3.80
C GLY A 546 -0.46 11.56 -4.72
N GLY A 547 -1.03 10.35 -4.65
CA GLY A 547 -2.14 9.97 -5.52
C GLY A 547 -1.69 9.24 -6.79
N ASN A 548 -0.40 9.30 -7.11
CA ASN A 548 0.02 8.72 -8.38
C ASN A 548 0.34 7.22 -8.30
N ALA A 549 0.52 6.68 -7.09
CA ALA A 549 0.85 5.26 -7.00
C ALA A 549 -0.39 4.39 -7.22
N ILE A 550 -1.53 4.77 -6.66
CA ILE A 550 -2.74 3.96 -6.91
C ILE A 550 -3.10 4.05 -8.40
N SER A 551 -2.94 5.23 -8.98
CA SER A 551 -3.16 5.39 -10.42
C SER A 551 -2.28 4.44 -11.25
N ASP A 552 -0.99 4.43 -10.93
CA ASP A 552 -0.01 3.51 -11.52
C ASP A 552 -0.43 2.05 -11.41
N ILE A 553 -0.73 1.57 -10.19
CA ILE A 553 -0.92 0.14 -10.02
C ILE A 553 -2.17 -0.37 -10.75
N ILE A 554 -3.20 0.46 -10.86
CA ILE A 554 -4.40 0.00 -11.58
C ILE A 554 -4.12 0.02 -13.09
N THR A 555 -3.57 1.13 -13.59
CA THR A 555 -3.23 1.27 -15.01
C THR A 555 -2.27 0.18 -15.50
N PHE A 556 -1.15 0.05 -14.80
CA PHE A 556 -0.10 -0.87 -15.24
C PHE A 556 -0.43 -2.33 -14.94
N GLY A 557 -1.13 -2.58 -13.83
CA GLY A 557 -1.61 -3.93 -13.54
C GLY A 557 -2.60 -4.41 -14.60
N ARG A 558 -3.60 -3.59 -14.88
CA ARG A 558 -4.55 -3.91 -15.95
C ARG A 558 -3.88 -4.15 -17.31
N LEU A 559 -2.96 -3.26 -17.68
CA LEU A 559 -2.27 -3.35 -18.94
C LEU A 559 -1.43 -4.65 -19.01
N ALA A 560 -0.72 -4.94 -17.93
CA ALA A 560 0.10 -6.15 -17.85
C ALA A 560 -0.72 -7.43 -18.01
N GLY A 561 -1.90 -7.49 -17.38
CA GLY A 561 -2.73 -8.65 -17.48
C GLY A 561 -3.21 -8.84 -18.92
N GLU A 562 -3.55 -7.74 -19.59
CA GLU A 562 -4.03 -7.83 -20.97
C GLU A 562 -2.89 -8.24 -21.89
N GLU A 563 -1.71 -7.66 -21.68
CA GLU A 563 -0.58 -8.00 -22.55
C GLU A 563 -0.14 -9.44 -22.33
N ALA A 564 -0.10 -9.87 -21.07
CA ALA A 564 0.27 -11.26 -20.75
C ALA A 564 -0.70 -12.26 -21.36
N ALA A 565 -2.00 -11.94 -21.30
CA ALA A 565 -3.03 -12.81 -21.88
C ALA A 565 -2.85 -12.93 -23.39
N LYS A 566 -2.63 -11.80 -24.05
CA LYS A 566 -2.41 -11.78 -25.51
C LYS A 566 -1.15 -12.58 -25.87
N TYR A 567 -0.10 -12.38 -25.09
CA TYR A 567 1.17 -13.07 -25.31
C TYR A 567 0.95 -14.58 -25.17
N SER A 568 0.22 -14.92 -24.10
CA SER A 568 -0.64 -16.09 -23.95
C SER A 568 -0.35 -17.03 -22.77
NA NA B . 9.18 1.58 -7.88
FE HEC C . -2.96 -30.01 13.44
CHA HEC C . -0.68 -28.63 11.26
CHB HEC C . -1.32 -33.02 13.26
CHC HEC C . -4.91 -31.24 16.00
CHD HEC C . -5.01 -27.29 13.19
NA HEC C . -1.35 -30.68 12.46
C1A HEC C . -0.51 -29.96 11.62
C2A HEC C . 0.57 -30.81 11.15
C3A HEC C . 0.37 -32.03 11.71
C4A HEC C . -0.82 -31.97 12.53
CMA HEC C . 1.25 -33.29 11.50
CAA HEC C . 1.69 -30.40 10.18
CBA HEC C . 1.28 -30.88 8.79
CGA HEC C . 2.29 -30.47 7.74
O1A HEC C . 2.10 -30.93 6.57
O2A HEC C . 3.26 -29.73 8.08
NB HEC C . -3.10 -31.81 14.45
C1B HEC C . -2.36 -32.92 14.16
C2B HEC C . -2.85 -33.98 14.99
C3B HEC C . -3.83 -33.49 15.76
C4B HEC C . -4.02 -32.10 15.42
CMB HEC C . -2.25 -35.41 14.96
CAB HEC C . -4.62 -34.22 16.86
CBB HEC C . -3.91 -34.51 17.98
NC HEC C . -4.63 -29.39 14.40
C1C HEC C . -5.26 -30.02 15.46
C2C HEC C . -6.32 -29.17 15.94
C3C HEC C . -6.35 -28.08 15.17
C4C HEC C . -5.29 -28.21 14.19
CMC HEC C . -7.25 -29.53 17.14
CAC HEC C . -7.31 -26.85 15.27
CBC HEC C . -7.50 -26.17 16.43
ND HEC C . -2.87 -28.28 12.36
C1D HEC C . -3.85 -27.27 12.46
C2D HEC C . -3.39 -26.16 11.67
C3D HEC C . -2.09 -26.59 11.08
C4D HEC C . -1.79 -27.91 11.58
CMD HEC C . -4.12 -24.83 11.44
CAD HEC C . -1.18 -25.73 10.19
CBD HEC C . 0.02 -25.28 11.05
CGD HEC C . -0.36 -24.68 12.40
O1D HEC C . 0.17 -25.10 13.46
O2D HEC C . -1.15 -23.70 12.45
FE HEC D . -11.60 -22.94 19.03
CHA HEC D . -11.39 -22.12 22.27
CHB HEC D . -9.65 -20.27 18.17
CHC HEC D . -11.00 -24.45 16.05
CHD HEC D . -14.32 -24.92 19.52
NA HEC D . -10.69 -21.46 20.04
C1A HEC D . -10.67 -21.31 21.40
C2A HEC D . -9.79 -20.23 21.78
C3A HEC D . -9.30 -19.71 20.63
C4A HEC D . -9.88 -20.46 19.53
CMA HEC D . -8.31 -18.53 20.47
CAA HEC D . -9.49 -19.82 23.24
CBA HEC D . -8.38 -20.74 23.77
CGA HEC D . -7.98 -20.50 25.21
O1A HEC D . -6.80 -20.73 25.61
O2A HEC D . -8.86 -20.08 26.01
NB HEC D . -10.51 -22.45 17.42
C1B HEC D . -9.80 -21.28 17.24
C2B HEC D . -9.18 -21.37 15.93
C3B HEC D . -9.56 -22.52 15.37
C4B HEC D . -10.40 -23.24 16.30
CMB HEC D . -8.26 -20.28 15.33
CAB HEC D . -9.12 -23.12 14.02
CBB HEC D . -7.74 -23.21 13.86
NC HEC D . -12.49 -24.40 17.99
C1C HEC D . -12.11 -24.90 16.76
C2C HEC D . -13.03 -25.92 16.33
C3C HEC D . -13.96 -26.07 17.31
C4C HEC D . -13.62 -25.12 18.34
CMC HEC D . -12.89 -26.68 14.99
CAC HEC D . -15.18 -27.02 17.37
CBC HEC D . -15.11 -28.35 17.17
ND HEC D . -12.69 -23.47 20.64
C1D HEC D . -13.81 -24.28 20.61
C2D HEC D . -14.35 -24.31 21.93
C3D HEC D . -13.44 -23.44 22.79
C4D HEC D . -12.42 -22.94 21.90
CMD HEC D . -15.60 -25.07 22.43
CAD HEC D . -13.61 -23.16 24.30
CBD HEC D . -14.29 -21.80 24.49
CGD HEC D . -15.72 -21.81 23.99
O1D HEC D . -16.57 -22.45 24.66
O2D HEC D . -16.02 -21.16 22.94
FE HEC E . -8.77 -14.15 17.06
CHA HEC E . -8.89 -13.55 20.40
CHB HEC E . -10.92 -16.76 17.40
CHC HEC E . -9.10 -14.30 13.66
CHD HEC E . -6.11 -11.96 16.72
NA HEC E . -9.73 -15.01 18.61
C1A HEC E . -9.64 -14.57 19.91
C2A HEC E . -10.49 -15.42 20.69
C3A HEC E . -11.06 -16.29 19.87
C4A HEC E . -10.58 -16.08 18.53
CMA HEC E . -12.05 -17.41 20.26
CAA HEC E . -10.72 -15.30 22.24
CBA HEC E . -11.91 -14.38 22.50
CGA HEC E . -12.38 -14.35 23.94
O1A HEC E . -13.59 -14.60 24.18
O2A HEC E . -11.57 -14.06 24.86
NB HEC E . -9.78 -15.27 15.80
C1B HEC E . -10.65 -16.31 16.12
C2B HEC E . -11.24 -16.85 14.93
C3B HEC E . -10.76 -16.16 13.88
C4B HEC E . -9.84 -15.18 14.42
CMB HEC E . -12.22 -18.02 14.89
CAB HEC E . -11.15 -16.35 12.42
CBB HEC E . -12.49 -16.18 12.14
NC HEC E . -7.79 -13.30 15.48
C1C HEC E . -8.07 -13.53 14.16
C2C HEC E . -7.12 -12.76 13.40
C3C HEC E . -6.31 -12.11 14.26
C4C HEC E . -6.71 -12.44 15.59
CMC HEC E . -7.11 -12.73 11.85
CAC HEC E . -5.15 -11.15 13.95
CBC HEC E . -5.42 -10.05 13.17
ND HEC E . -7.66 -13.03 18.33
C1D HEC E . -6.67 -12.10 17.97
C2D HEC E . -6.30 -11.28 19.10
C3D HEC E . -7.16 -11.77 20.24
C4D HEC E . -7.95 -12.83 19.69
CMD HEC E . -5.26 -10.16 19.13
CAD HEC E . -7.18 -11.18 21.65
CBD HEC E . -8.21 -10.03 21.51
CGD HEC E . -8.12 -8.99 22.60
O1D HEC E . -7.25 -9.04 23.51
O2D HEC E . -8.95 -8.03 22.52
FE HEC F . -4.18 -0.28 11.59
CHA HEC F . -5.33 2.94 11.95
CHB HEC F . -6.50 -1.35 13.90
CHC HEC F . -3.12 -3.53 11.16
CHD HEC F . -1.66 0.80 9.45
NA HEC F . -5.62 0.60 12.68
C1A HEC F . -5.91 1.95 12.71
C2A HEC F . -6.92 2.16 13.72
C3A HEC F . -7.23 0.98 14.25
C4A HEC F . -6.45 -0.02 13.61
CMA HEC F . -8.26 0.66 15.35
CAA HEC F . -7.56 3.52 14.09
CBA HEC F . -8.63 3.85 13.03
CGA HEC F . -9.66 2.75 12.88
O1A HEC F . -9.68 2.00 11.87
O2A HEC F . -10.47 2.65 13.81
NB HEC F . -4.71 -2.10 12.37
C1B HEC F . -5.75 -2.31 13.27
C2B HEC F . -5.90 -3.73 13.45
C3B HEC F . -4.98 -4.34 12.69
C4B HEC F . -4.20 -3.32 11.99
CMB HEC F . -6.96 -4.33 14.39
CAB HEC F . -4.74 -5.87 12.51
CBB HEC F . -5.75 -6.60 11.90
NC HEC F . -2.72 -1.18 10.51
C1C HEC F . -2.35 -2.52 10.61
C2C HEC F . -1.05 -2.66 10.02
C3C HEC F . -0.65 -1.48 9.55
C4C HEC F . -1.69 -0.53 9.83
CMC HEC F . -0.26 -4.00 9.95
CAC HEC F . 0.70 -1.14 8.85
CBC HEC F . 1.05 -1.77 7.68
ND HEC F . -3.63 1.55 10.82
C1D HEC F . -2.58 1.74 9.89
C2D HEC F . -2.64 3.11 9.45
C3D HEC F . -3.75 3.79 10.24
C4D HEC F . -4.29 2.74 11.07
CMD HEC F . -1.75 3.79 8.40
CAD HEC F . -4.17 5.28 10.15
CBD HEC F . -5.64 5.47 9.77
CGD HEC F . -5.92 4.91 8.42
O1D HEC F . -7.02 4.29 8.30
O2D HEC F . -5.06 5.06 7.45
PA FAD G . 1.50 -3.75 -2.92
O1A FAD G . 2.54 -3.43 -1.91
O2A FAD G . 0.21 -3.17 -2.74
O5B FAD G . 1.33 -5.28 -3.06
C5B FAD G . 2.43 -6.15 -3.35
C4B FAD G . 2.16 -7.48 -2.77
O4B FAD G . 3.10 -8.52 -3.25
C3B FAD G . 2.31 -7.43 -1.27
O3B FAD G . 1.10 -8.02 -0.62
C2B FAD G . 3.40 -8.42 -0.91
O2B FAD G . 3.49 -9.16 0.30
C1B FAD G . 3.61 -9.24 -2.19
N9A FAD G . 4.78 -9.98 -2.46
C8A FAD G . 6.03 -9.40 -2.46
N7A FAD G . 6.96 -10.26 -2.82
C5A FAD G . 6.33 -11.46 -3.07
C6A FAD G . 6.73 -12.71 -3.54
N6A FAD G . 8.07 -13.00 -3.79
N1A FAD G . 5.75 -13.61 -3.69
C2A FAD G . 4.49 -13.38 -3.45
N3A FAD G . 3.98 -12.15 -2.99
C4A FAD G . 4.97 -11.25 -2.87
N1 FAD G . -0.44 5.77 -3.05
C2 FAD G . -1.39 6.63 -3.69
O2 FAD G . -1.30 6.89 -4.88
N3 FAD G . -2.43 7.28 -2.91
C4 FAD G . -2.52 7.10 -1.55
O4 FAD G . -3.54 7.33 -1.07
C4X FAD G . -1.48 6.17 -0.95
N5 FAD G . -1.51 5.96 0.35
C5X FAD G . -0.59 5.09 1.01
C6 FAD G . -0.69 4.85 2.47
C7 FAD G . 0.17 4.05 3.06
C7M FAD G . 0.03 3.77 4.52
C8 FAD G . 1.14 3.36 2.17
C8M FAD G . 2.19 2.42 2.68
C9 FAD G . 1.28 3.59 0.79
C9A FAD G . 0.38 4.44 0.16
N10 FAD G . 0.41 4.73 -1.25
C10 FAD G . -0.51 5.58 -1.81
C1' FAD G . 1.38 4.07 -2.08
C2' FAD G . 0.69 2.85 -2.65
O2' FAD G . -0.39 2.28 -1.80
C3' FAD G . 1.71 1.68 -2.92
O3' FAD G . 2.57 2.30 -3.93
C4' FAD G . 1.03 0.47 -3.68
O4' FAD G . 0.54 -0.25 -2.53
C5' FAD G . 1.85 -0.18 -4.71
O5' FAD G . 0.90 -1.24 -4.99
P FAD G . 1.43 -2.64 -5.58
O1P FAD G . 0.33 -3.40 -6.05
O2P FAD G . 2.53 -2.33 -6.55
O3P FAD G . 2.21 -3.33 -4.32
C1 TEO H . -1.58 9.85 1.50
O1A TEO H . -2.74 9.57 1.59
O1B TEO H . -0.90 10.69 1.94
C2 TEO H . -0.60 8.94 0.63
O2 TEO H . 0.31 8.28 1.32
C3 TEO H . -0.58 9.38 -0.66
C4 TEO H . 0.26 8.75 -1.54
O4A TEO H . 0.23 8.73 -2.83
O4B TEO H . 1.44 7.96 -1.13
#